data_5JOY
#
_entry.id   5JOY
#
_cell.length_a   75.591
_cell.length_b   91.505
_cell.length_c   154.155
_cell.angle_alpha   90.00
_cell.angle_beta   90.00
_cell.angle_gamma   90.00
#
_symmetry.space_group_name_H-M   'P 21 2 21'
#
loop_
_entity.id
_entity.type
_entity.pdbx_description
1 polymer 'Non-reducing end alpha-L-arabinofuranosidase BoGH43A'
2 non-polymer 2-AMINO-2-HYDROXYMETHYL-PROPANE-1,3-DIOL
3 non-polymer (Z)-L-Arabinonhydroximo-1,4-lactone
4 non-polymer 1,2-ETHANEDIOL
5 water water
#
_entity_poly.entity_id   1
_entity_poly.type   'polypeptide(L)'
_entity_poly.pdbx_seq_one_letter_code
;MGSSHHHHHHQGYSNPVIPGFHPDPSVCKAGDDYYLVNSSFQYFPGVPLFHSKDLVHWEQIGNCLTRPSQLDLTNANSGS
GIFAPTIRYNDGVFYMITTNVSGKGNFLVHTTDPRSEWSEPVWLEQGGIDPSLYFEDGKCFMVSNPDGYINLCEIDPMTG
KQLSSSKRIWNGTGGRYAEGPHIYKKDGWYYLLISEGGTELGHKVTIARSRYIDGPYQGNPANPILTHANESGQSSPIQG
TGHADLVEGTDGSWWMVCLAYRIMPGTHHTLGRETYLAPVRWDKDAWPVVNSNGTISLKMDVPTLPQQEMKGRPERIDFK
EGKLSPEWIHLQNPEAKNYIFTKDGKLRLIATPVTLSDWKSPTFVALRQEHFDMEASAPVVLQKAGVNDEAGISVFMEFH
SHYDLFVRQDKDRKRSVGLRYKLGEITHYAKEVSLPTDGEVELVVKSDINYYYFGYKVNGIYHDLGKMNTRYLSTETAGG
FTGVVLGLYITSASKDSKAYADFEYFKYKGKPGENK
;
_entity_poly.pdbx_strand_id   A,B
#
loop_
_chem_comp.id
_chem_comp.type
_chem_comp.name
_chem_comp.formula
6LW L-saccharide (Z)-L-Arabinonhydroximo-1,4-lactone 'C5 H9 N O5'
EDO non-polymer 1,2-ETHANEDIOL 'C2 H6 O2'
TRS non-polymer 2-AMINO-2-HYDROXYMETHYL-PROPANE-1,3-DIOL 'C4 H12 N O3 1'
#
# COMPACT_ATOMS: atom_id res chain seq x y z
N HIS A 10 -25.34 -26.20 12.32
CA HIS A 10 -25.50 -25.47 13.65
C HIS A 10 -24.22 -24.95 14.36
N GLN A 11 -23.03 -25.33 13.89
N GLN A 11 -23.03 -25.31 13.86
CA GLN A 11 -21.74 -24.96 14.53
CA GLN A 11 -21.76 -24.97 14.52
C GLN A 11 -20.60 -24.88 13.51
C GLN A 11 -20.60 -24.89 13.52
N GLY A 12 -19.95 -23.72 13.44
CA GLY A 12 -18.78 -23.51 12.58
C GLY A 12 -19.06 -23.05 11.16
N TYR A 13 -18.21 -22.17 10.65
CA TYR A 13 -18.18 -21.79 9.23
C TYR A 13 -16.86 -21.16 8.91
N SER A 14 -16.56 -21.03 7.62
CA SER A 14 -15.34 -20.38 7.16
CA SER A 14 -15.34 -20.38 7.16
C SER A 14 -15.62 -18.96 6.69
N ASN A 15 -14.71 -18.05 6.99
CA ASN A 15 -14.72 -16.70 6.42
C ASN A 15 -13.68 -16.63 5.31
N PRO A 16 -13.85 -15.78 4.29
CA PRO A 16 -15.07 -14.98 4.06
C PRO A 16 -16.28 -15.81 3.63
N VAL A 17 -17.49 -15.31 3.90
CA VAL A 17 -18.69 -16.00 3.46
C VAL A 17 -19.01 -15.72 1.99
N ILE A 18 -18.56 -14.58 1.45
CA ILE A 18 -18.63 -14.34 0.00
C ILE A 18 -17.26 -13.88 -0.47
N PRO A 19 -16.46 -14.83 -0.98
CA PRO A 19 -15.09 -14.48 -1.34
C PRO A 19 -15.01 -13.67 -2.63
N GLY A 20 -13.83 -13.07 -2.84
CA GLY A 20 -13.58 -12.18 -3.97
C GLY A 20 -14.28 -10.85 -3.82
N PHE A 21 -14.29 -10.09 -4.91
CA PHE A 21 -14.61 -8.68 -4.90
C PHE A 21 -16.11 -8.46 -4.56
N HIS A 22 -16.36 -8.36 -3.25
CA HIS A 22 -17.68 -8.13 -2.66
C HIS A 22 -17.61 -7.20 -1.46
N PRO A 23 -17.33 -5.89 -1.71
CA PRO A 23 -17.14 -4.92 -0.63
C PRO A 23 -18.43 -4.31 -0.14
N ASP A 24 -18.34 -3.63 1.00
CA ASP A 24 -19.42 -2.84 1.56
C ASP A 24 -20.72 -3.63 1.65
N PRO A 25 -20.70 -4.80 2.30
CA PRO A 25 -21.92 -5.57 2.42
C PRO A 25 -22.99 -4.86 3.25
N SER A 26 -24.20 -4.89 2.75
CA SER A 26 -25.39 -4.53 3.52
C SER A 26 -26.41 -5.68 3.38
N VAL A 27 -27.15 -5.93 4.46
CA VAL A 27 -28.07 -7.05 4.56
C VAL A 27 -29.40 -6.60 5.19
N CYS A 28 -30.49 -7.23 4.74
CA CYS A 28 -31.81 -7.10 5.39
C CYS A 28 -32.45 -8.47 5.57
N LYS A 29 -33.35 -8.52 6.54
CA LYS A 29 -34.11 -9.71 6.89
C LYS A 29 -35.54 -9.50 6.42
N ALA A 30 -36.03 -10.43 5.60
CA ALA A 30 -37.41 -10.45 5.14
C ALA A 30 -38.00 -11.78 5.56
N GLY A 31 -38.63 -11.80 6.74
CA GLY A 31 -39.10 -13.03 7.34
C GLY A 31 -37.93 -13.94 7.67
N ASP A 32 -37.94 -15.14 7.10
CA ASP A 32 -36.83 -16.08 7.21
C ASP A 32 -35.77 -15.95 6.10
N ASP A 33 -35.95 -15.00 5.18
CA ASP A 33 -34.98 -14.78 4.11
C ASP A 33 -34.07 -13.58 4.38
N TYR A 34 -32.81 -13.73 4.00
CA TYR A 34 -31.85 -12.65 4.05
C TYR A 34 -31.44 -12.28 2.66
N TYR A 35 -31.31 -10.98 2.42
CA TYR A 35 -30.80 -10.45 1.16
C TYR A 35 -29.64 -9.49 1.40
N LEU A 36 -28.61 -9.60 0.56
CA LEU A 36 -27.36 -8.86 0.73
C LEU A 36 -26.89 -8.22 -0.56
N VAL A 37 -26.34 -7.01 -0.46
CA VAL A 37 -25.83 -6.27 -1.61
C VAL A 37 -24.41 -5.84 -1.36
N ASN A 38 -23.62 -5.74 -2.43
CA ASN A 38 -22.24 -5.21 -2.37
C ASN A 38 -22.07 -4.06 -3.35
N SER A 39 -21.07 -3.22 -3.14
CA SER A 39 -20.67 -2.20 -4.12
C SER A 39 -19.96 -2.86 -5.29
N SER A 40 -20.11 -2.27 -6.47
CA SER A 40 -19.58 -2.80 -7.75
C SER A 40 -18.76 -1.84 -8.63
N PHE A 41 -18.71 -0.56 -8.26
CA PHE A 41 -17.78 0.41 -8.85
C PHE A 41 -18.01 0.57 -10.37
N GLN A 42 -17.04 0.20 -11.21
CA GLN A 42 -17.16 0.38 -12.69
C GLN A 42 -17.89 -0.73 -13.46
N TYR A 43 -18.33 -1.77 -12.75
CA TYR A 43 -18.85 -2.96 -13.38
C TYR A 43 -20.36 -2.91 -13.61
N PHE A 44 -20.75 -3.53 -14.72
CA PHE A 44 -22.15 -3.65 -15.14
C PHE A 44 -22.46 -5.13 -15.46
N PRO A 45 -23.54 -5.70 -14.92
CA PRO A 45 -24.55 -5.05 -14.05
C PRO A 45 -23.99 -4.71 -12.69
N GLY A 46 -24.65 -3.79 -12.00
CA GLY A 46 -24.17 -3.28 -10.73
C GLY A 46 -24.97 -3.79 -9.55
N VAL A 47 -24.34 -3.73 -8.38
CA VAL A 47 -24.89 -4.13 -7.10
C VAL A 47 -25.34 -5.60 -7.08
N PRO A 48 -24.37 -6.53 -6.98
CA PRO A 48 -24.78 -7.93 -6.87
C PRO A 48 -25.68 -8.19 -5.67
N LEU A 49 -26.64 -9.09 -5.86
CA LEU A 49 -27.72 -9.32 -4.92
C LEU A 49 -27.73 -10.78 -4.56
N PHE A 50 -27.57 -11.04 -3.26
CA PHE A 50 -27.45 -12.40 -2.74
C PHE A 50 -28.61 -12.76 -1.82
N HIS A 51 -28.81 -14.05 -1.65
CA HIS A 51 -29.86 -14.60 -0.81
C HIS A 51 -29.32 -15.75 0.02
N SER A 52 -29.70 -15.76 1.29
CA SER A 52 -29.30 -16.79 2.26
C SER A 52 -30.43 -17.09 3.23
N LYS A 53 -30.40 -18.31 3.77
CA LYS A 53 -31.26 -18.72 4.87
C LYS A 53 -30.53 -18.78 6.22
N ASP A 54 -29.19 -18.77 6.20
CA ASP A 54 -28.37 -18.96 7.40
C ASP A 54 -27.27 -17.91 7.64
N LEU A 55 -27.16 -16.88 6.77
CA LEU A 55 -26.09 -15.86 6.79
C LEU A 55 -24.67 -16.35 6.41
N VAL A 56 -24.51 -17.65 6.26
CA VAL A 56 -23.26 -18.30 5.95
C VAL A 56 -23.13 -18.61 4.47
N HIS A 57 -24.16 -19.23 3.90
CA HIS A 57 -24.16 -19.63 2.50
C HIS A 57 -25.03 -18.67 1.71
N TRP A 58 -24.49 -18.15 0.61
CA TRP A 58 -25.18 -17.14 -0.19
C TRP A 58 -25.21 -17.55 -1.65
N GLU A 59 -26.35 -17.33 -2.30
CA GLU A 59 -26.52 -17.56 -3.73
C GLU A 59 -26.71 -16.20 -4.37
N GLN A 60 -26.00 -15.92 -5.45
CA GLN A 60 -26.26 -14.69 -6.18
C GLN A 60 -27.52 -14.88 -7.05
N ILE A 61 -28.60 -14.24 -6.63
CA ILE A 61 -29.88 -14.31 -7.34
C ILE A 61 -30.01 -13.25 -8.43
N GLY A 62 -29.14 -12.24 -8.41
CA GLY A 62 -29.14 -11.21 -9.45
C GLY A 62 -28.25 -10.02 -9.15
N ASN A 63 -28.71 -8.87 -9.62
CA ASN A 63 -28.05 -7.59 -9.51
C ASN A 63 -29.14 -6.52 -9.47
N CYS A 64 -29.00 -5.50 -8.64
CA CYS A 64 -30.04 -4.50 -8.52
C CYS A 64 -30.09 -3.53 -9.70
N LEU A 65 -28.92 -3.24 -10.30
CA LEU A 65 -28.80 -2.30 -11.41
C LEU A 65 -28.43 -3.05 -12.70
N THR A 66 -29.48 -3.37 -13.46
CA THR A 66 -29.39 -4.24 -14.65
C THR A 66 -29.72 -3.55 -15.98
N ARG A 67 -30.12 -2.29 -15.96
CA ARG A 67 -30.44 -1.58 -17.20
C ARG A 67 -29.64 -0.28 -17.26
N PRO A 68 -29.24 0.14 -18.48
CA PRO A 68 -28.48 1.38 -18.63
C PRO A 68 -29.13 2.61 -17.97
N SER A 69 -30.48 2.67 -17.99
CA SER A 69 -31.23 3.76 -17.40
C SER A 69 -31.03 3.84 -15.88
N GLN A 70 -30.76 2.71 -15.24
CA GLN A 70 -30.44 2.68 -13.81
C GLN A 70 -29.00 3.03 -13.45
N LEU A 71 -28.09 2.99 -14.41
CA LEU A 71 -26.66 2.93 -14.13
C LEU A 71 -25.81 3.49 -15.28
N ASP A 72 -25.53 4.79 -15.23
CA ASP A 72 -24.62 5.45 -16.16
C ASP A 72 -23.17 5.34 -15.66
N LEU A 73 -22.36 4.54 -16.36
CA LEU A 73 -20.96 4.32 -15.98
C LEU A 73 -19.94 4.98 -16.93
N THR A 74 -20.33 6.07 -17.58
CA THR A 74 -19.45 6.77 -18.51
C THR A 74 -18.16 7.18 -17.77
N ASN A 75 -17.02 6.76 -18.32
CA ASN A 75 -15.71 7.00 -17.71
C ASN A 75 -15.47 6.41 -16.31
N ALA A 76 -16.33 5.49 -15.87
CA ALA A 76 -16.15 4.86 -14.55
C ALA A 76 -14.89 3.98 -14.54
N ASN A 77 -14.27 3.85 -13.38
CA ASN A 77 -13.09 2.99 -13.22
C ASN A 77 -13.07 2.46 -11.77
N SER A 78 -12.00 1.79 -11.36
CA SER A 78 -11.98 1.13 -10.04
C SER A 78 -12.09 2.09 -8.85
N GLY A 79 -11.98 3.40 -9.12
CA GLY A 79 -12.12 4.41 -8.10
C GLY A 79 -13.38 5.23 -8.20
N SER A 80 -14.31 4.85 -9.07
CA SER A 80 -15.55 5.60 -9.23
C SER A 80 -16.73 4.63 -9.43
N GLY A 81 -17.76 5.04 -10.16
CA GLY A 81 -18.96 4.26 -10.27
C GLY A 81 -19.81 4.13 -9.00
N ILE A 82 -20.27 2.92 -8.75
CA ILE A 82 -21.16 2.61 -7.66
C ILE A 82 -20.39 2.31 -6.36
N PHE A 83 -20.67 3.11 -5.34
CA PHE A 83 -20.02 2.97 -4.02
C PHE A 83 -20.97 2.16 -3.10
N ALA A 84 -20.74 2.19 -1.78
CA ALA A 84 -21.47 1.37 -0.84
C ALA A 84 -22.98 1.42 -1.03
N PRO A 85 -23.62 0.25 -1.18
CA PRO A 85 -25.09 0.22 -1.21
C PRO A 85 -25.64 -0.24 0.14
N THR A 86 -26.85 0.21 0.45
CA THR A 86 -27.59 -0.31 1.59
C THR A 86 -28.92 -0.93 1.11
N ILE A 87 -29.26 -2.09 1.66
CA ILE A 87 -30.55 -2.74 1.34
C ILE A 87 -31.42 -2.82 2.57
N ARG A 88 -32.69 -2.44 2.38
CA ARG A 88 -33.68 -2.43 3.45
C ARG A 88 -35.01 -2.96 2.98
N TYR A 89 -35.74 -3.58 3.92
CA TYR A 89 -37.04 -4.17 3.68
C TYR A 89 -38.08 -3.58 4.61
N ASN A 90 -39.14 -3.01 4.06
CA ASN A 90 -40.18 -2.40 4.87
C ASN A 90 -41.56 -2.50 4.22
N ASP A 91 -42.48 -3.20 4.87
CA ASP A 91 -43.88 -3.25 4.48
C ASP A 91 -44.05 -3.78 3.03
N GLY A 92 -43.41 -4.91 2.75
CA GLY A 92 -43.46 -5.53 1.44
C GLY A 92 -42.62 -4.89 0.32
N VAL A 93 -41.84 -3.86 0.64
CA VAL A 93 -40.99 -3.17 -0.34
C VAL A 93 -39.51 -3.32 0.02
N PHE A 94 -38.72 -3.76 -0.95
CA PHE A 94 -37.26 -3.72 -0.86
C PHE A 94 -36.75 -2.41 -1.45
N TYR A 95 -35.82 -1.80 -0.74
CA TYR A 95 -35.12 -0.59 -1.17
C TYR A 95 -33.63 -0.84 -1.23
N MET A 96 -32.99 -0.39 -2.31
CA MET A 96 -31.54 -0.40 -2.41
C MET A 96 -31.11 1.04 -2.63
N ILE A 97 -30.30 1.56 -1.72
CA ILE A 97 -29.89 2.96 -1.76
C ILE A 97 -28.36 3.02 -1.91
N THR A 98 -27.87 3.80 -2.87
CA THR A 98 -26.43 3.89 -3.10
C THR A 98 -26.05 5.24 -3.70
N THR A 99 -24.78 5.38 -4.05
CA THR A 99 -24.29 6.56 -4.74
C THR A 99 -23.64 6.12 -6.05
N ASN A 100 -24.01 6.78 -7.15
CA ASN A 100 -23.23 6.72 -8.39
C ASN A 100 -22.36 8.00 -8.50
N VAL A 101 -21.08 7.87 -8.18
CA VAL A 101 -20.17 9.02 -8.19
C VAL A 101 -19.75 9.40 -9.60
N SER A 102 -19.96 8.51 -10.57
CA SER A 102 -19.75 8.82 -11.98
CA SER A 102 -19.74 8.84 -11.98
C SER A 102 -21.00 9.45 -12.61
N GLY A 103 -22.09 9.52 -11.87
CA GLY A 103 -23.35 10.09 -12.38
C GLY A 103 -23.92 11.09 -11.39
N LYS A 104 -25.21 10.97 -11.11
CA LYS A 104 -25.93 12.03 -10.39
C LYS A 104 -25.94 11.82 -8.87
N GLY A 105 -25.07 10.97 -8.34
CA GLY A 105 -24.93 10.86 -6.89
C GLY A 105 -25.91 9.91 -6.23
N ASN A 106 -26.51 10.36 -5.13
CA ASN A 106 -27.36 9.51 -4.29
C ASN A 106 -28.73 9.18 -4.92
N PHE A 107 -29.07 7.90 -4.90
CA PHE A 107 -30.37 7.48 -5.36
C PHE A 107 -30.73 6.14 -4.76
N LEU A 108 -31.99 5.79 -4.92
CA LEU A 108 -32.43 4.44 -4.62
C LEU A 108 -33.23 3.87 -5.76
N VAL A 109 -33.35 2.54 -5.71
CA VAL A 109 -34.30 1.81 -6.53
C VAL A 109 -35.03 0.89 -5.61
N HIS A 110 -36.20 0.45 -6.05
CA HIS A 110 -37.06 -0.39 -5.24
C HIS A 110 -37.80 -1.45 -6.04
N THR A 111 -38.38 -2.40 -5.29
CA THR A 111 -39.15 -3.51 -5.85
C THR A 111 -39.89 -4.26 -4.78
N THR A 112 -40.93 -5.00 -5.17
CA THR A 112 -41.60 -5.94 -4.27
C THR A 112 -41.09 -7.37 -4.46
N ASP A 113 -40.28 -7.62 -5.49
CA ASP A 113 -39.70 -8.95 -5.75
C ASP A 113 -38.21 -8.80 -6.09
N PRO A 114 -37.30 -9.18 -5.14
CA PRO A 114 -35.85 -9.05 -5.35
C PRO A 114 -35.30 -9.66 -6.65
N ARG A 115 -35.93 -10.74 -7.11
CA ARG A 115 -35.54 -11.45 -8.34
CA ARG A 115 -35.54 -11.46 -8.34
C ARG A 115 -36.03 -10.76 -9.62
N SER A 116 -36.96 -9.82 -9.50
CA SER A 116 -37.45 -9.06 -10.66
C SER A 116 -36.55 -7.86 -11.05
N GLU A 117 -36.91 -7.19 -12.15
CA GLU A 117 -36.29 -5.93 -12.53
C GLU A 117 -36.71 -4.84 -11.53
N TRP A 118 -35.73 -4.15 -10.94
CA TRP A 118 -36.04 -3.08 -9.95
C TRP A 118 -36.44 -1.81 -10.69
N SER A 119 -37.00 -0.86 -9.95
CA SER A 119 -37.39 0.46 -10.47
C SER A 119 -36.29 1.30 -11.14
N GLU A 120 -36.75 2.33 -11.85
CA GLU A 120 -35.88 3.42 -12.25
C GLU A 120 -35.33 4.15 -11.00
N PRO A 121 -34.18 4.83 -11.16
CA PRO A 121 -33.61 5.58 -10.03
C PRO A 121 -34.56 6.65 -9.47
N VAL A 122 -34.64 6.72 -8.15
CA VAL A 122 -35.27 7.84 -7.44
C VAL A 122 -34.12 8.67 -6.88
N TRP A 123 -33.88 9.84 -7.46
CA TRP A 123 -32.70 10.66 -7.12
C TRP A 123 -32.96 11.45 -5.82
N LEU A 124 -31.95 11.52 -4.96
CA LEU A 124 -32.13 12.06 -3.62
C LEU A 124 -31.36 13.36 -3.39
N GLU A 125 -31.86 14.19 -2.49
CA GLU A 125 -31.33 15.53 -2.29
C GLU A 125 -30.10 15.53 -1.41
N GLN A 126 -30.14 14.80 -0.30
CA GLN A 126 -29.05 14.91 0.68
C GLN A 126 -27.77 14.32 0.06
N GLY A 127 -26.67 15.05 0.23
CA GLY A 127 -25.38 14.69 -0.36
C GLY A 127 -24.59 13.68 0.45
N GLY A 128 -23.27 13.75 0.29
CA GLY A 128 -22.36 12.76 0.83
C GLY A 128 -22.54 11.44 0.14
N ILE A 129 -21.89 10.42 0.69
CA ILE A 129 -21.97 9.06 0.17
C ILE A 129 -22.51 8.11 1.26
N ASP A 130 -22.49 6.81 0.95
CA ASP A 130 -22.95 5.76 1.86
C ASP A 130 -24.31 6.04 2.48
N PRO A 131 -25.31 6.35 1.63
CA PRO A 131 -26.64 6.55 2.14
C PRO A 131 -27.24 5.25 2.67
N SER A 132 -28.10 5.38 3.67
CA SER A 132 -28.74 4.25 4.32
C SER A 132 -30.10 4.69 4.82
N LEU A 133 -31.02 3.74 4.95
CA LEU A 133 -32.39 4.01 5.40
C LEU A 133 -32.75 3.24 6.65
N TYR A 134 -33.61 3.86 7.45
CA TYR A 134 -34.16 3.28 8.66
C TYR A 134 -35.64 3.68 8.68
N PHE A 135 -36.53 2.74 8.97
CA PHE A 135 -37.98 2.99 8.99
C PHE A 135 -38.58 2.88 10.39
N GLU A 136 -39.47 3.81 10.75
CA GLU A 136 -40.24 3.76 12.01
C GLU A 136 -41.47 4.68 11.93
N ASP A 137 -42.56 4.27 12.55
CA ASP A 137 -43.81 5.09 12.66
C ASP A 137 -44.33 5.55 11.31
N GLY A 138 -44.19 4.70 10.29
CA GLY A 138 -44.53 5.08 8.91
C GLY A 138 -43.67 6.14 8.26
N LYS A 139 -42.47 6.39 8.81
CA LYS A 139 -41.53 7.36 8.25
C LYS A 139 -40.26 6.65 7.81
N CYS A 140 -39.60 7.26 6.84
CA CYS A 140 -38.35 6.78 6.28
C CYS A 140 -37.25 7.80 6.56
N PHE A 141 -36.24 7.39 7.33
CA PHE A 141 -35.11 8.27 7.67
C PHE A 141 -33.89 7.91 6.85
N MET A 142 -33.25 8.93 6.29
CA MET A 142 -32.02 8.74 5.50
C MET A 142 -30.83 9.31 6.26
N VAL A 143 -29.75 8.55 6.28
CA VAL A 143 -28.46 9.07 6.68
C VAL A 143 -27.47 8.97 5.54
N SER A 144 -26.49 9.89 5.54
CA SER A 144 -25.29 9.83 4.66
C SER A 144 -24.20 10.70 5.34
N ASN A 145 -23.06 10.93 4.68
CA ASN A 145 -21.90 11.50 5.36
C ASN A 145 -21.30 12.81 4.78
N PRO A 146 -22.15 13.78 4.39
CA PRO A 146 -21.61 14.99 3.77
C PRO A 146 -20.63 15.75 4.69
N ASP A 147 -19.48 16.14 4.13
CA ASP A 147 -18.41 16.86 4.84
C ASP A 147 -17.88 16.13 6.06
N GLY A 148 -17.98 14.80 6.02
CA GLY A 148 -17.51 13.97 7.12
C GLY A 148 -18.44 13.85 8.31
N TYR A 149 -19.59 14.53 8.28
CA TYR A 149 -20.60 14.44 9.34
C TYR A 149 -21.72 13.50 8.93
N ILE A 150 -22.19 12.69 9.87
CA ILE A 150 -23.37 11.88 9.63
C ILE A 150 -24.55 12.85 9.72
N ASN A 151 -25.30 12.96 8.63
CA ASN A 151 -26.52 13.79 8.54
C ASN A 151 -27.75 12.92 8.48
N LEU A 152 -28.83 13.40 9.09
CA LEU A 152 -30.11 12.71 9.17
C LEU A 152 -31.18 13.57 8.51
N CYS A 153 -32.05 12.96 7.71
CA CYS A 153 -33.29 13.62 7.28
C CYS A 153 -34.37 12.60 7.07
N GLU A 154 -35.59 13.10 6.88
CA GLU A 154 -36.74 12.27 6.54
CA GLU A 154 -36.76 12.27 6.54
C GLU A 154 -36.97 12.42 5.05
N ILE A 155 -37.32 11.30 4.38
CA ILE A 155 -37.64 11.32 2.95
C ILE A 155 -38.91 10.55 2.62
N ASP A 156 -39.50 10.89 1.47
CA ASP A 156 -40.49 10.04 0.85
C ASP A 156 -39.68 9.20 -0.14
N PRO A 157 -39.59 7.88 0.11
CA PRO A 157 -38.69 7.04 -0.68
C PRO A 157 -39.22 6.74 -2.09
N MET A 158 -40.53 6.89 -2.30
CA MET A 158 -41.12 6.67 -3.62
CA MET A 158 -41.13 6.67 -3.62
C MET A 158 -40.87 7.86 -4.53
N THR A 159 -41.03 9.07 -3.99
CA THR A 159 -40.82 10.29 -4.79
C THR A 159 -39.41 10.87 -4.71
N GLY A 160 -38.63 10.48 -3.70
CA GLY A 160 -37.31 11.09 -3.44
C GLY A 160 -37.34 12.48 -2.81
N LYS A 161 -38.51 12.95 -2.39
CA LYS A 161 -38.63 14.27 -1.79
C LYS A 161 -38.13 14.24 -0.36
N GLN A 162 -37.32 15.24 0.02
CA GLN A 162 -36.84 15.39 1.38
C GLN A 162 -37.92 16.14 2.16
N LEU A 163 -38.33 15.58 3.29
CA LEU A 163 -39.45 16.09 4.08
C LEU A 163 -39.06 16.89 5.32
N SER A 164 -37.83 16.72 5.80
CA SER A 164 -37.29 17.52 6.91
C SER A 164 -35.91 18.06 6.53
N SER A 165 -35.43 19.05 7.29
CA SER A 165 -34.09 19.60 7.06
CA SER A 165 -34.09 19.62 7.09
C SER A 165 -33.03 18.59 7.49
N SER A 166 -31.86 18.65 6.86
CA SER A 166 -30.76 17.77 7.23
C SER A 166 -30.18 18.22 8.56
N LYS A 167 -29.88 17.28 9.44
CA LYS A 167 -29.25 17.59 10.73
C LYS A 167 -28.00 16.76 10.88
N ARG A 168 -26.94 17.38 11.38
CA ARG A 168 -25.70 16.67 11.70
C ARG A 168 -25.93 15.97 13.03
N ILE A 169 -25.78 14.65 13.05
CA ILE A 169 -26.05 13.88 14.26
C ILE A 169 -24.80 13.33 14.94
N TRP A 170 -23.76 13.02 14.17
CA TRP A 170 -22.51 12.57 14.78
C TRP A 170 -21.38 12.80 13.80
N ASN A 171 -20.15 12.79 14.32
CA ASN A 171 -18.99 12.78 13.41
CA ASN A 171 -18.92 12.94 13.53
C ASN A 171 -17.94 11.79 13.82
N GLY A 172 -18.40 10.74 14.53
CA GLY A 172 -17.56 9.59 14.87
C GLY A 172 -16.74 9.82 16.12
N THR A 173 -15.81 8.91 16.39
CA THR A 173 -14.95 9.01 17.58
C THR A 173 -13.70 9.87 17.36
N GLY A 174 -13.50 10.40 16.15
CA GLY A 174 -12.30 11.16 15.80
C GLY A 174 -11.45 10.50 14.73
N GLY A 175 -11.76 9.25 14.40
CA GLY A 175 -11.04 8.48 13.38
C GLY A 175 -11.34 9.03 12.01
N ARG A 176 -10.47 8.69 11.06
CA ARG A 176 -10.59 9.25 9.70
C ARG A 176 -11.75 8.66 8.93
N TYR A 177 -12.25 9.45 7.98
CA TYR A 177 -13.21 8.99 6.97
C TYR A 177 -14.44 8.27 7.53
N ALA A 178 -15.17 8.97 8.42
CA ALA A 178 -16.43 8.48 8.94
C ALA A 178 -17.35 8.19 7.77
N GLU A 179 -17.81 6.95 7.68
CA GLU A 179 -18.65 6.52 6.57
C GLU A 179 -19.52 5.32 6.97
N GLY A 180 -20.23 4.74 6.02
CA GLY A 180 -21.12 3.60 6.27
C GLY A 180 -22.11 3.76 7.43
N PRO A 181 -22.69 4.94 7.60
CA PRO A 181 -23.65 5.07 8.71
C PRO A 181 -24.90 4.15 8.56
N HIS A 182 -25.29 3.46 9.64
CA HIS A 182 -26.59 2.79 9.75
C HIS A 182 -27.21 3.08 11.11
N ILE A 183 -28.49 3.44 11.12
CA ILE A 183 -29.29 3.52 12.37
C ILE A 183 -30.09 2.25 12.63
N TYR A 184 -30.05 1.78 13.90
CA TYR A 184 -30.91 0.71 14.40
C TYR A 184 -31.59 1.14 15.70
N LYS A 185 -32.73 0.55 16.02
CA LYS A 185 -33.38 0.80 17.31
C LYS A 185 -33.52 -0.47 18.13
N LYS A 186 -33.04 -0.42 19.37
CA LYS A 186 -33.08 -1.55 20.28
C LYS A 186 -33.08 -1.03 21.71
N ASP A 187 -33.96 -1.62 22.53
CA ASP A 187 -34.05 -1.33 23.98
C ASP A 187 -34.28 0.14 24.30
N GLY A 188 -35.04 0.82 23.46
CA GLY A 188 -35.25 2.27 23.63
C GLY A 188 -34.10 3.20 23.25
N TRP A 189 -33.05 2.69 22.59
CA TRP A 189 -31.93 3.48 22.12
C TRP A 189 -31.88 3.47 20.59
N TYR A 190 -31.55 4.63 20.01
CA TYR A 190 -31.12 4.71 18.61
C TYR A 190 -29.63 4.45 18.62
N TYR A 191 -29.22 3.38 17.94
CA TYR A 191 -27.82 3.04 17.79
C TYR A 191 -27.35 3.49 16.40
N LEU A 192 -26.22 4.20 16.35
CA LEU A 192 -25.62 4.66 15.09
C LEU A 192 -24.29 3.93 14.93
N LEU A 193 -24.23 3.10 13.90
CA LEU A 193 -23.03 2.33 13.59
CA LEU A 193 -23.04 2.32 13.59
C LEU A 193 -22.37 2.95 12.38
N ILE A 194 -21.05 3.16 12.47
CA ILE A 194 -20.27 3.67 11.35
C ILE A 194 -18.93 2.95 11.19
N SER A 195 -18.31 3.26 10.07
CA SER A 195 -16.92 2.89 9.80
CA SER A 195 -16.94 2.87 9.76
C SER A 195 -16.01 4.10 9.93
N GLU A 196 -14.82 3.88 10.49
CA GLU A 196 -13.76 4.90 10.61
C GLU A 196 -12.43 4.24 10.24
N GLY A 197 -11.39 5.06 10.08
CA GLY A 197 -10.04 4.54 9.93
C GLY A 197 -9.60 4.32 8.50
N GLY A 198 -10.49 4.56 7.54
CA GLY A 198 -10.23 4.20 6.16
C GLY A 198 -10.35 2.70 5.91
N THR A 199 -10.43 2.33 4.63
CA THR A 199 -10.70 0.95 4.23
C THR A 199 -9.45 0.11 3.99
N GLU A 200 -8.29 0.54 4.50
CA GLU A 200 -7.06 -0.25 4.49
C GLU A 200 -6.81 -0.81 5.93
N LEU A 201 -5.56 -0.86 6.40
CA LEU A 201 -5.23 -1.54 7.66
C LEU A 201 -5.82 -0.90 8.93
N GLY A 202 -6.25 0.35 8.83
CA GLY A 202 -6.81 1.08 9.95
C GLY A 202 -8.31 0.94 10.12
N HIS A 203 -8.96 0.29 9.17
CA HIS A 203 -10.43 0.06 9.24
C HIS A 203 -10.95 -0.39 10.61
N LYS A 204 -11.99 0.29 11.08
CA LYS A 204 -12.63 -0.08 12.32
C LYS A 204 -14.09 0.27 12.30
N VAL A 205 -14.85 -0.47 13.11
CA VAL A 205 -16.29 -0.20 13.30
C VAL A 205 -16.51 0.40 14.67
N THR A 206 -17.28 1.48 14.69
CA THR A 206 -17.57 2.18 15.93
C THR A 206 -19.08 2.35 16.04
N ILE A 207 -19.56 2.58 17.25
CA ILE A 207 -20.99 2.69 17.51
C ILE A 207 -21.27 3.72 18.61
N ALA A 208 -22.36 4.45 18.41
CA ALA A 208 -22.85 5.40 19.37
C ALA A 208 -24.34 5.17 19.61
N ARG A 209 -24.90 5.83 20.63
CA ARG A 209 -26.32 5.72 20.86
C ARG A 209 -26.95 6.96 21.48
N SER A 210 -28.27 7.06 21.36
CA SER A 210 -29.01 8.19 21.92
C SER A 210 -30.46 7.77 22.16
N ARG A 211 -31.12 8.44 23.09
CA ARG A 211 -32.55 8.23 23.28
C ARG A 211 -33.37 8.91 22.18
N TYR A 212 -32.75 9.83 21.45
CA TYR A 212 -33.40 10.53 20.33
C TYR A 212 -32.65 10.26 19.03
N ILE A 213 -33.41 10.05 17.95
CA ILE A 213 -32.81 9.72 16.65
C ILE A 213 -31.91 10.84 16.16
N ASP A 214 -32.22 12.09 16.54
CA ASP A 214 -31.42 13.25 16.17
C ASP A 214 -30.37 13.67 17.21
N GLY A 215 -30.05 12.77 18.15
CA GLY A 215 -28.95 12.99 19.06
C GLY A 215 -29.37 13.68 20.36
N PRO A 216 -28.40 13.95 21.24
CA PRO A 216 -26.97 13.76 20.95
C PRO A 216 -26.54 12.33 21.13
N TYR A 217 -25.63 11.87 20.27
CA TYR A 217 -25.11 10.50 20.28
C TYR A 217 -23.88 10.40 21.17
N GLN A 218 -23.83 9.36 21.99
CA GLN A 218 -22.69 9.09 22.85
C GLN A 218 -22.02 7.82 22.40
N GLY A 219 -20.70 7.88 22.25
CA GLY A 219 -19.93 6.76 21.76
C GLY A 219 -19.79 5.66 22.80
N ASN A 220 -19.79 4.42 22.34
CA ASN A 220 -19.47 3.26 23.16
C ASN A 220 -18.07 3.45 23.77
N PRO A 221 -17.96 3.47 25.12
CA PRO A 221 -16.63 3.49 25.74
C PRO A 221 -15.67 2.38 25.25
N ALA A 222 -16.20 1.23 24.85
CA ALA A 222 -15.38 0.15 24.30
C ALA A 222 -15.04 0.27 22.81
N ASN A 223 -15.37 1.39 22.16
CA ASN A 223 -15.06 1.53 20.73
C ASN A 223 -13.57 1.39 20.48
N PRO A 224 -13.16 0.87 19.32
CA PRO A 224 -14.04 0.31 18.28
C PRO A 224 -14.53 -1.09 18.64
N ILE A 225 -15.70 -1.47 18.11
CA ILE A 225 -16.26 -2.80 18.38
C ILE A 225 -15.75 -3.90 17.45
N LEU A 226 -15.18 -3.53 16.32
CA LEU A 226 -14.52 -4.50 15.45
C LEU A 226 -13.36 -3.83 14.73
N THR A 227 -12.17 -4.43 14.83
CA THR A 227 -11.00 -3.96 14.10
C THR A 227 -9.87 -4.96 14.22
N HIS A 228 -9.10 -5.10 13.14
CA HIS A 228 -7.79 -5.75 13.20
C HIS A 228 -6.61 -4.78 13.23
N ALA A 229 -6.91 -3.48 13.36
CA ALA A 229 -5.86 -2.46 13.34
C ALA A 229 -4.96 -2.47 14.57
N ASN A 230 -5.41 -3.07 15.68
CA ASN A 230 -4.66 -3.01 16.95
C ASN A 230 -3.81 -4.23 17.17
N GLU A 231 -3.10 -4.26 18.30
CA GLU A 231 -2.23 -5.38 18.58
C GLU A 231 -2.93 -6.73 18.45
N SER A 232 -4.19 -6.82 18.89
CA SER A 232 -4.94 -8.08 18.84
C SER A 232 -5.18 -8.60 17.42
N GLY A 233 -5.13 -7.72 16.42
CA GLY A 233 -5.30 -8.11 15.02
C GLY A 233 -4.08 -8.14 14.13
N GLN A 234 -2.92 -7.72 14.64
CA GLN A 234 -1.78 -7.46 13.77
C GLN A 234 -1.23 -8.71 13.06
N SER A 235 -1.38 -9.88 13.71
CA SER A 235 -0.90 -11.16 13.17
CA SER A 235 -0.88 -11.14 13.13
C SER A 235 -1.91 -11.82 12.25
N SER A 236 -3.13 -11.28 12.17
CA SER A 236 -4.21 -11.97 11.46
C SER A 236 -3.98 -12.01 9.92
N PRO A 237 -4.33 -13.13 9.27
CA PRO A 237 -4.30 -13.15 7.81
C PRO A 237 -5.42 -12.33 7.20
N ILE A 238 -6.36 -11.86 8.03
CA ILE A 238 -7.43 -10.93 7.64
C ILE A 238 -7.08 -9.53 8.14
N GLN A 239 -7.25 -8.52 7.28
CA GLN A 239 -7.05 -7.14 7.69
C GLN A 239 -8.16 -6.27 7.14
N GLY A 240 -8.23 -5.05 7.66
CA GLY A 240 -9.15 -4.04 7.15
C GLY A 240 -10.61 -4.31 7.39
N THR A 241 -10.92 -4.78 8.59
CA THR A 241 -12.28 -5.17 8.94
C THR A 241 -13.13 -3.95 9.17
N GLY A 242 -14.23 -3.83 8.43
CA GLY A 242 -15.12 -2.70 8.62
C GLY A 242 -16.29 -2.65 7.66
N HIS A 243 -16.99 -1.53 7.65
CA HIS A 243 -18.20 -1.35 6.87
C HIS A 243 -19.24 -2.44 7.16
N ALA A 244 -19.63 -2.48 8.43
CA ALA A 244 -20.52 -3.48 8.98
C ALA A 244 -22.00 -3.10 8.86
N ASP A 245 -22.85 -4.12 8.92
CA ASP A 245 -24.30 -3.93 8.99
C ASP A 245 -24.85 -5.00 9.92
N LEU A 246 -25.53 -4.56 10.98
CA LEU A 246 -26.09 -5.48 12.00
C LEU A 246 -27.40 -6.13 11.53
N VAL A 247 -27.54 -7.41 11.85
CA VAL A 247 -28.72 -8.17 11.47
C VAL A 247 -29.07 -9.25 12.50
N GLU A 248 -30.39 -9.43 12.68
CA GLU A 248 -30.94 -10.37 13.64
C GLU A 248 -31.09 -11.77 13.04
N GLY A 249 -30.64 -12.77 13.79
CA GLY A 249 -30.87 -14.17 13.46
C GLY A 249 -32.33 -14.54 13.60
N THR A 250 -32.74 -15.59 12.90
CA THR A 250 -34.11 -16.15 13.00
C THR A 250 -34.41 -16.67 14.41
N ASP A 251 -33.36 -17.10 15.12
CA ASP A 251 -33.47 -17.53 16.52
C ASP A 251 -33.28 -16.39 17.55
N GLY A 252 -33.23 -15.13 17.11
CA GLY A 252 -33.02 -13.99 18.02
C GLY A 252 -31.57 -13.65 18.40
N SER A 253 -30.61 -14.42 17.90
CA SER A 253 -29.21 -14.05 17.99
C SER A 253 -28.93 -12.82 17.10
N TRP A 254 -27.74 -12.25 17.28
CA TRP A 254 -27.29 -11.06 16.51
C TRP A 254 -26.00 -11.36 15.74
N TRP A 255 -25.94 -10.79 14.55
CA TRP A 255 -24.83 -10.98 13.61
C TRP A 255 -24.44 -9.66 12.93
N MET A 256 -23.24 -9.64 12.36
CA MET A 256 -22.89 -8.58 11.40
C MET A 256 -22.20 -9.14 10.19
N VAL A 257 -22.55 -8.58 9.04
CA VAL A 257 -21.75 -8.72 7.85
C VAL A 257 -20.82 -7.50 7.79
N CYS A 258 -19.61 -7.71 7.29
CA CYS A 258 -18.63 -6.63 7.15
C CYS A 258 -17.67 -6.94 6.03
N LEU A 259 -16.89 -5.95 5.61
CA LEU A 259 -15.83 -6.19 4.64
C LEU A 259 -14.53 -6.43 5.35
N ALA A 260 -13.61 -7.07 4.63
CA ALA A 260 -12.24 -7.26 5.05
C ALA A 260 -11.49 -7.79 3.85
N TYR A 261 -10.18 -8.00 4.00
CA TYR A 261 -9.43 -8.62 2.95
C TYR A 261 -8.40 -9.53 3.52
N ARG A 262 -7.94 -10.44 2.65
CA ARG A 262 -6.84 -11.35 2.96
C ARG A 262 -5.52 -10.84 2.39
N ILE A 263 -4.57 -10.65 3.29
CA ILE A 263 -3.27 -10.08 2.93
CA ILE A 263 -3.26 -10.09 3.00
C ILE A 263 -2.36 -11.10 2.29
N MET A 264 -1.45 -10.60 1.47
CA MET A 264 -0.47 -11.40 0.72
C MET A 264 0.89 -10.80 1.05
N PRO A 265 1.99 -11.50 0.71
CA PRO A 265 3.33 -10.95 1.06
C PRO A 265 3.63 -9.54 0.53
N GLY A 266 4.24 -8.71 1.40
CA GLY A 266 4.46 -7.29 1.13
C GLY A 266 3.25 -6.40 1.43
N THR A 267 2.23 -6.95 2.08
CA THR A 267 0.98 -6.25 2.38
C THR A 267 0.29 -5.88 1.08
N HIS A 268 -0.14 -6.90 0.36
CA HIS A 268 -0.92 -6.75 -0.88
C HIS A 268 -2.22 -7.54 -0.81
N HIS A 269 -3.25 -7.08 -1.51
CA HIS A 269 -4.46 -7.87 -1.66
C HIS A 269 -5.02 -7.68 -3.07
N THR A 270 -5.24 -8.80 -3.75
CA THR A 270 -5.75 -8.85 -5.15
C THR A 270 -7.19 -9.36 -5.29
N LEU A 271 -7.73 -9.99 -4.24
CA LEU A 271 -9.09 -10.53 -4.29
C LEU A 271 -10.16 -9.51 -3.93
N GLY A 272 -9.78 -8.25 -3.81
CA GLY A 272 -10.72 -7.21 -3.42
C GLY A 272 -11.09 -7.34 -1.97
N ARG A 273 -11.99 -6.46 -1.55
CA ARG A 273 -12.54 -6.57 -0.23
C ARG A 273 -13.76 -7.53 -0.36
N GLU A 274 -13.80 -8.51 0.54
CA GLU A 274 -14.75 -9.61 0.49
C GLU A 274 -15.72 -9.46 1.61
N THR A 275 -16.77 -10.27 1.59
CA THR A 275 -17.81 -10.23 2.63
C THR A 275 -17.58 -11.28 3.73
N TYR A 276 -17.52 -10.78 4.96
CA TYR A 276 -17.26 -11.59 6.17
C TYR A 276 -18.48 -11.55 7.10
N LEU A 277 -18.59 -12.58 7.94
CA LEU A 277 -19.66 -12.69 8.94
C LEU A 277 -19.06 -12.83 10.34
N ALA A 278 -19.65 -12.11 11.30
CA ALA A 278 -19.26 -12.19 12.73
C ALA A 278 -20.50 -12.36 13.61
N PRO A 279 -20.41 -13.20 14.65
CA PRO A 279 -21.42 -13.23 15.68
C PRO A 279 -21.31 -12.01 16.60
N VAL A 280 -22.43 -11.60 17.15
CA VAL A 280 -22.52 -10.42 18.01
C VAL A 280 -23.33 -10.79 19.23
N ARG A 281 -22.77 -10.51 20.41
CA ARG A 281 -23.48 -10.62 21.67
C ARG A 281 -24.18 -9.30 21.90
N TRP A 282 -25.49 -9.32 22.03
CA TRP A 282 -26.21 -8.08 22.24
C TRP A 282 -27.33 -8.21 23.26
N ASP A 283 -26.92 -8.31 24.53
CA ASP A 283 -27.85 -8.41 25.65
C ASP A 283 -28.74 -7.19 25.80
N LYS A 284 -29.88 -7.42 26.43
CA LYS A 284 -30.83 -6.35 26.72
C LYS A 284 -30.17 -5.23 27.54
N ASP A 285 -30.31 -4.01 27.03
CA ASP A 285 -29.77 -2.78 27.63
C ASP A 285 -28.24 -2.69 27.61
N ALA A 286 -27.59 -3.55 26.84
CA ALA A 286 -26.14 -3.61 26.76
C ALA A 286 -25.68 -3.12 25.40
N TRP A 287 -24.41 -2.70 25.33
CA TRP A 287 -23.78 -2.44 24.04
C TRP A 287 -23.46 -3.77 23.37
N PRO A 288 -23.48 -3.82 22.02
CA PRO A 288 -23.02 -5.01 21.33
C PRO A 288 -21.55 -5.23 21.45
N VAL A 289 -21.16 -6.50 21.55
CA VAL A 289 -19.77 -6.96 21.51
C VAL A 289 -19.66 -7.96 20.37
N VAL A 290 -18.67 -7.76 19.50
CA VAL A 290 -18.53 -8.55 18.29
C VAL A 290 -17.52 -9.64 18.54
N ASN A 291 -17.98 -10.91 18.50
CA ASN A 291 -17.14 -12.09 18.60
C ASN A 291 -16.16 -11.98 19.76
N SER A 292 -16.67 -11.62 20.95
CA SER A 292 -15.87 -11.51 22.17
C SER A 292 -14.80 -10.41 22.24
N ASN A 293 -13.90 -10.32 21.26
CA ASN A 293 -12.78 -9.37 21.35
C ASN A 293 -12.61 -8.45 20.13
N GLY A 294 -13.69 -8.26 19.36
CA GLY A 294 -13.63 -7.37 18.22
C GLY A 294 -12.67 -7.82 17.10
N THR A 295 -12.45 -9.13 16.99
CA THR A 295 -11.73 -9.72 15.86
C THR A 295 -12.54 -10.86 15.24
N ILE A 296 -12.17 -11.30 14.05
CA ILE A 296 -12.74 -12.43 13.36
C ILE A 296 -11.59 -13.27 12.82
N SER A 297 -11.93 -14.49 12.39
CA SER A 297 -10.96 -15.46 11.88
CA SER A 297 -10.95 -15.43 11.87
C SER A 297 -11.46 -16.17 10.63
N LEU A 298 -10.56 -16.91 9.99
CA LEU A 298 -10.90 -17.67 8.80
C LEU A 298 -11.75 -18.88 9.20
N LYS A 299 -11.39 -19.54 10.30
CA LYS A 299 -12.18 -20.62 10.88
C LYS A 299 -12.95 -20.05 12.05
N MET A 300 -14.27 -19.93 11.91
CA MET A 300 -15.13 -19.44 12.97
C MET A 300 -15.83 -20.62 13.67
N ASP A 301 -15.31 -20.99 14.84
CA ASP A 301 -15.83 -22.09 15.64
C ASP A 301 -16.88 -21.58 16.62
N VAL A 302 -18.03 -21.22 16.07
CA VAL A 302 -19.10 -20.60 16.82
C VAL A 302 -20.43 -21.20 16.37
N PRO A 303 -21.46 -21.18 17.26
CA PRO A 303 -22.80 -21.62 16.86
C PRO A 303 -23.35 -20.75 15.72
N THR A 304 -24.24 -21.31 14.91
CA THR A 304 -24.80 -20.62 13.76
C THR A 304 -26.29 -20.88 13.68
N LEU A 305 -26.97 -20.18 12.78
CA LEU A 305 -28.33 -20.54 12.40
C LEU A 305 -28.25 -21.92 11.74
N PRO A 306 -29.38 -22.70 11.70
CA PRO A 306 -29.30 -24.00 11.03
C PRO A 306 -28.89 -23.84 9.55
N GLN A 307 -27.86 -24.56 9.13
CA GLN A 307 -27.20 -24.26 7.87
C GLN A 307 -27.85 -24.94 6.65
N GLN A 308 -27.96 -24.21 5.54
CA GLN A 308 -28.50 -24.70 4.27
C GLN A 308 -27.58 -24.22 3.16
N GLU A 309 -27.01 -25.17 2.42
CA GLU A 309 -26.11 -24.87 1.31
C GLU A 309 -26.89 -24.29 0.14
N MET A 310 -26.20 -23.48 -0.66
CA MET A 310 -26.82 -22.79 -1.79
C MET A 310 -26.06 -23.10 -3.08
N LYS A 311 -26.67 -22.75 -4.20
CA LYS A 311 -26.06 -22.90 -5.52
C LYS A 311 -24.83 -21.99 -5.63
N GLY A 312 -23.72 -22.53 -6.11
CA GLY A 312 -22.49 -21.76 -6.32
C GLY A 312 -22.11 -21.68 -7.78
N ARG A 313 -20.87 -21.26 -8.05
CA ARG A 313 -20.35 -21.16 -9.41
C ARG A 313 -19.98 -22.56 -9.93
N PRO A 314 -20.52 -22.97 -11.08
CA PRO A 314 -20.13 -24.27 -11.65
C PRO A 314 -18.65 -24.32 -12.01
N GLU A 315 -18.04 -25.49 -11.85
CA GLU A 315 -16.66 -25.68 -12.26
C GLU A 315 -16.46 -25.58 -13.77
N ARG A 316 -17.51 -25.89 -14.53
CA ARG A 316 -17.51 -25.72 -16.00
C ARG A 316 -18.80 -25.00 -16.40
N ILE A 317 -18.68 -23.73 -16.76
CA ILE A 317 -19.83 -22.94 -17.19
C ILE A 317 -19.96 -23.11 -18.70
N ASP A 318 -21.14 -23.53 -19.16
CA ASP A 318 -21.43 -23.64 -20.59
C ASP A 318 -22.47 -22.60 -20.93
N PHE A 319 -22.59 -22.33 -22.23
CA PHE A 319 -23.48 -21.26 -22.73
C PHE A 319 -24.69 -21.79 -23.50
N LYS A 320 -25.01 -23.06 -23.29
CA LYS A 320 -26.15 -23.76 -23.93
C LYS A 320 -27.52 -23.12 -23.61
N GLU A 321 -27.67 -22.57 -22.40
CA GLU A 321 -28.92 -21.91 -22.00
C GLU A 321 -29.12 -20.53 -22.63
N GLY A 322 -28.07 -19.98 -23.27
CA GLY A 322 -28.16 -18.69 -23.93
C GLY A 322 -28.36 -17.49 -23.00
N LYS A 323 -27.90 -17.61 -21.75
CA LYS A 323 -27.96 -16.53 -20.76
C LYS A 323 -26.75 -16.61 -19.84
N LEU A 324 -26.09 -15.49 -19.62
CA LEU A 324 -25.01 -15.43 -18.63
C LEU A 324 -25.66 -15.34 -17.27
N SER A 325 -25.09 -16.01 -16.28
CA SER A 325 -25.59 -15.90 -14.90
C SER A 325 -25.33 -14.49 -14.35
N PRO A 326 -25.94 -14.15 -13.20
CA PRO A 326 -25.67 -12.84 -12.58
C PRO A 326 -24.20 -12.53 -12.27
N GLU A 327 -23.36 -13.55 -12.14
CA GLU A 327 -21.95 -13.37 -11.79
C GLU A 327 -21.12 -12.60 -12.81
N TRP A 328 -21.51 -12.64 -14.08
CA TRP A 328 -20.73 -12.06 -15.15
C TRP A 328 -20.83 -10.54 -15.21
N ILE A 329 -19.69 -9.88 -15.37
CA ILE A 329 -19.65 -8.42 -15.37
C ILE A 329 -18.84 -7.85 -16.50
N HIS A 330 -19.30 -6.70 -16.97
CA HIS A 330 -18.68 -5.93 -18.05
C HIS A 330 -18.02 -4.69 -17.48
N LEU A 331 -17.13 -4.10 -18.28
CA LEU A 331 -16.52 -2.81 -17.94
C LEU A 331 -17.39 -1.67 -18.43
N GLN A 332 -17.81 -0.81 -17.50
CA GLN A 332 -18.70 0.35 -17.80
C GLN A 332 -20.00 -0.15 -18.46
N ASN A 333 -20.64 0.67 -19.32
CA ASN A 333 -21.87 0.24 -20.01
C ASN A 333 -21.49 -0.52 -21.29
N PRO A 334 -21.86 -1.82 -21.37
CA PRO A 334 -21.41 -2.63 -22.48
C PRO A 334 -22.15 -2.32 -23.80
N GLU A 335 -21.52 -2.59 -24.93
CA GLU A 335 -22.20 -2.55 -26.24
C GLU A 335 -22.84 -3.93 -26.36
N ALA A 336 -24.12 -3.99 -25.98
CA ALA A 336 -24.82 -5.26 -25.76
C ALA A 336 -24.87 -6.18 -26.98
N LYS A 337 -24.89 -5.60 -28.18
CA LYS A 337 -24.91 -6.40 -29.42
C LYS A 337 -23.60 -7.15 -29.72
N ASN A 338 -22.53 -6.91 -28.97
CA ASN A 338 -21.26 -7.62 -29.19
C ASN A 338 -21.07 -8.90 -28.38
N TYR A 339 -22.11 -9.30 -27.64
CA TYR A 339 -22.14 -10.53 -26.88
C TYR A 339 -23.35 -11.32 -27.37
N ILE A 340 -23.12 -12.44 -28.07
CA ILE A 340 -24.22 -13.26 -28.60
C ILE A 340 -23.97 -14.73 -28.35
N PHE A 341 -25.04 -15.51 -28.40
CA PHE A 341 -24.96 -16.97 -28.21
C PHE A 341 -25.21 -17.69 -29.53
N THR A 342 -24.31 -18.59 -29.91
CA THR A 342 -24.38 -19.26 -31.21
C THR A 342 -25.42 -20.39 -31.21
N LYS A 343 -25.75 -20.86 -32.42
CA LYS A 343 -26.70 -21.98 -32.60
C LYS A 343 -26.28 -23.23 -31.83
N ASP A 344 -24.99 -23.55 -31.85
CA ASP A 344 -24.46 -24.69 -31.08
C ASP A 344 -24.13 -24.37 -29.60
N GLY A 345 -24.55 -23.20 -29.11
CA GLY A 345 -24.51 -22.89 -27.67
C GLY A 345 -23.16 -22.42 -27.13
N LYS A 346 -22.40 -21.68 -27.94
CA LYS A 346 -21.16 -21.06 -27.49
C LYS A 346 -21.38 -19.59 -27.20
N LEU A 347 -20.51 -18.99 -26.38
CA LEU A 347 -20.46 -17.53 -26.22
C LEU A 347 -19.68 -16.95 -27.39
N ARG A 348 -20.31 -16.05 -28.14
CA ARG A 348 -19.66 -15.37 -29.25
C ARG A 348 -19.42 -13.89 -28.92
N LEU A 349 -18.14 -13.49 -28.93
CA LEU A 349 -17.75 -12.12 -28.67
C LEU A 349 -17.32 -11.46 -29.96
N ILE A 350 -17.95 -10.34 -30.29
CA ILE A 350 -17.67 -9.59 -31.50
C ILE A 350 -16.58 -8.56 -31.23
N ALA A 351 -15.56 -8.51 -32.08
CA ALA A 351 -14.47 -7.56 -31.90
C ALA A 351 -14.87 -6.10 -32.09
N THR A 352 -14.20 -5.24 -31.33
CA THR A 352 -14.16 -3.82 -31.61
C THR A 352 -12.70 -3.47 -31.53
N PRO A 353 -12.32 -2.26 -31.99
CA PRO A 353 -10.96 -1.77 -31.80
C PRO A 353 -10.56 -1.39 -30.36
N VAL A 354 -11.50 -1.38 -29.43
CA VAL A 354 -11.26 -0.95 -28.06
C VAL A 354 -10.39 -2.00 -27.37
N THR A 355 -9.20 -1.60 -26.92
CA THR A 355 -8.30 -2.52 -26.17
C THR A 355 -8.75 -2.58 -24.69
N LEU A 356 -8.07 -3.37 -23.87
CA LEU A 356 -8.35 -3.37 -22.41
C LEU A 356 -7.68 -2.21 -21.66
N SER A 357 -6.98 -1.31 -22.36
CA SER A 357 -6.27 -0.18 -21.78
C SER A 357 -6.85 1.18 -22.19
N ASP A 358 -7.99 1.17 -22.86
CA ASP A 358 -8.56 2.40 -23.46
C ASP A 358 -9.47 3.22 -22.55
N TRP A 359 -9.74 2.76 -21.33
CA TRP A 359 -10.63 3.47 -20.39
C TRP A 359 -12.08 3.60 -20.90
N LYS A 360 -12.43 2.73 -21.84
CA LYS A 360 -13.80 2.62 -22.39
C LYS A 360 -14.21 1.15 -22.27
N SER A 361 -15.48 0.84 -22.57
CA SER A 361 -15.95 -0.55 -22.55
C SER A 361 -15.44 -1.38 -23.74
N PRO A 362 -14.55 -2.36 -23.49
CA PRO A 362 -14.19 -3.24 -24.59
C PRO A 362 -15.22 -4.37 -24.69
N THR A 363 -15.10 -5.18 -25.73
CA THR A 363 -15.82 -6.45 -25.76
C THR A 363 -15.10 -7.33 -24.74
N PHE A 364 -15.66 -7.38 -23.53
CA PHE A 364 -15.00 -7.95 -22.35
C PHE A 364 -16.10 -8.35 -21.40
N VAL A 365 -16.07 -9.60 -20.91
CA VAL A 365 -17.02 -10.06 -19.92
C VAL A 365 -16.31 -11.03 -18.97
N ALA A 366 -16.60 -10.90 -17.69
CA ALA A 366 -15.67 -11.44 -16.67
C ALA A 366 -16.33 -12.02 -15.43
N LEU A 367 -15.55 -12.85 -14.73
CA LEU A 367 -15.92 -13.38 -13.43
C LEU A 367 -14.85 -13.00 -12.40
N ARG A 368 -15.30 -12.69 -11.19
CA ARG A 368 -14.41 -12.29 -10.11
C ARG A 368 -13.53 -13.47 -9.72
N GLN A 369 -12.24 -13.23 -9.47
CA GLN A 369 -11.38 -14.27 -8.90
C GLN A 369 -11.71 -14.35 -7.42
N GLU A 370 -12.00 -15.56 -6.94
CA GLU A 370 -12.51 -15.77 -5.59
C GLU A 370 -11.62 -16.67 -4.71
N HIS A 371 -10.45 -17.05 -5.22
CA HIS A 371 -9.50 -17.89 -4.51
C HIS A 371 -8.07 -17.46 -4.86
N PHE A 372 -7.16 -17.61 -3.89
CA PHE A 372 -5.75 -17.34 -4.15
C PHE A 372 -5.21 -18.43 -5.08
N ASP A 373 -5.61 -19.68 -4.82
CA ASP A 373 -5.18 -20.84 -5.59
C ASP A 373 -6.35 -21.25 -6.47
N MET A 374 -6.20 -21.08 -7.78
CA MET A 374 -7.26 -21.46 -8.69
C MET A 374 -6.69 -21.77 -10.06
N GLU A 375 -7.50 -22.43 -10.87
CA GLU A 375 -7.22 -22.57 -12.29
C GLU A 375 -8.46 -22.18 -13.05
N ALA A 376 -8.25 -21.43 -14.12
CA ALA A 376 -9.33 -21.05 -15.01
C ALA A 376 -8.88 -21.27 -16.45
N SER A 377 -9.83 -21.64 -17.32
CA SER A 377 -9.51 -21.86 -18.72
C SER A 377 -10.70 -21.71 -19.63
N ALA A 378 -10.41 -21.52 -20.92
CA ALA A 378 -11.45 -21.46 -21.94
C ALA A 378 -10.87 -21.77 -23.32
N PRO A 379 -11.61 -22.55 -24.12
CA PRO A 379 -11.22 -22.67 -25.51
C PRO A 379 -11.59 -21.38 -26.22
N VAL A 380 -10.78 -21.02 -27.20
CA VAL A 380 -10.94 -19.77 -27.95
CA VAL A 380 -11.01 -19.79 -27.95
C VAL A 380 -10.91 -20.11 -29.43
N VAL A 381 -11.96 -19.77 -30.16
CA VAL A 381 -12.01 -19.99 -31.62
C VAL A 381 -12.18 -18.63 -32.30
N LEU A 382 -11.04 -18.04 -32.69
CA LEU A 382 -11.00 -16.73 -33.31
C LEU A 382 -11.34 -16.91 -34.80
N GLN A 383 -12.27 -16.12 -35.33
CA GLN A 383 -12.72 -16.28 -36.71
C GLN A 383 -12.86 -14.95 -37.40
N LYS A 384 -12.70 -14.99 -38.73
CA LYS A 384 -12.81 -13.83 -39.60
C LYS A 384 -11.86 -12.72 -39.18
N ALA A 385 -10.64 -13.09 -38.83
CA ALA A 385 -9.71 -12.18 -38.19
C ALA A 385 -8.71 -11.58 -39.18
N GLY A 386 -8.47 -10.29 -39.05
CA GLY A 386 -7.34 -9.63 -39.71
C GLY A 386 -6.06 -9.72 -38.87
N VAL A 387 -4.93 -9.38 -39.48
CA VAL A 387 -3.62 -9.49 -38.83
C VAL A 387 -3.60 -8.60 -37.57
N ASN A 388 -3.13 -9.19 -36.46
CA ASN A 388 -3.08 -8.55 -35.12
C ASN A 388 -4.36 -8.50 -34.29
N ASP A 389 -5.49 -8.95 -34.86
CA ASP A 389 -6.71 -9.16 -34.05
C ASP A 389 -6.40 -10.25 -33.02
N GLU A 390 -6.94 -10.10 -31.82
CA GLU A 390 -6.67 -11.05 -30.74
C GLU A 390 -7.92 -11.35 -29.91
N ALA A 391 -7.97 -12.56 -29.35
CA ALA A 391 -8.96 -12.90 -28.34
C ALA A 391 -8.38 -13.81 -27.29
N GLY A 392 -8.92 -13.71 -26.07
CA GLY A 392 -8.48 -14.57 -24.96
C GLY A 392 -9.01 -14.19 -23.58
N ILE A 393 -8.15 -14.38 -22.58
CA ILE A 393 -8.44 -14.18 -21.15
C ILE A 393 -7.51 -13.11 -20.60
N SER A 394 -8.09 -12.19 -19.80
CA SER A 394 -7.34 -11.16 -19.14
C SER A 394 -7.51 -11.26 -17.62
N VAL A 395 -6.39 -11.25 -16.91
CA VAL A 395 -6.37 -11.09 -15.46
C VAL A 395 -6.34 -9.58 -15.23
N PHE A 396 -7.50 -9.02 -14.88
CA PHE A 396 -7.71 -7.58 -14.99
C PHE A 396 -7.99 -6.91 -13.63
N MET A 397 -7.21 -5.88 -13.28
CA MET A 397 -7.53 -5.02 -12.11
C MET A 397 -8.05 -3.67 -12.54
N GLU A 398 -7.33 -3.03 -13.46
CA GLU A 398 -7.68 -1.69 -13.93
C GLU A 398 -7.18 -1.55 -15.37
N PHE A 399 -7.68 -0.53 -16.06
CA PHE A 399 -7.25 -0.23 -17.43
C PHE A 399 -5.71 -0.08 -17.60
N HIS A 400 -5.00 0.29 -16.52
CA HIS A 400 -3.53 0.34 -16.55
C HIS A 400 -2.80 -0.83 -15.89
N SER A 401 -3.55 -1.82 -15.44
CA SER A 401 -3.02 -2.94 -14.68
C SER A 401 -3.77 -4.21 -15.04
N HIS A 402 -3.19 -4.99 -15.97
CA HIS A 402 -3.79 -6.25 -16.39
C HIS A 402 -2.81 -7.13 -17.16
N TYR A 403 -2.94 -8.45 -16.98
CA TYR A 403 -2.17 -9.47 -17.69
C TYR A 403 -3.08 -10.18 -18.72
N ASP A 404 -2.68 -10.16 -20.00
CA ASP A 404 -3.51 -10.66 -21.12
C ASP A 404 -2.86 -11.90 -21.79
N LEU A 405 -3.62 -12.99 -21.87
CA LEU A 405 -3.23 -14.23 -22.55
C LEU A 405 -4.21 -14.39 -23.72
N PHE A 406 -3.69 -14.59 -24.92
CA PHE A 406 -4.54 -14.50 -26.11
C PHE A 406 -4.04 -15.31 -27.31
N VAL A 407 -4.97 -15.65 -28.19
CA VAL A 407 -4.67 -16.14 -29.53
C VAL A 407 -4.69 -14.93 -30.45
N ARG A 408 -3.65 -14.78 -31.25
CA ARG A 408 -3.49 -13.67 -32.19
C ARG A 408 -3.46 -14.18 -33.63
N GLN A 409 -4.10 -13.43 -34.52
CA GLN A 409 -4.01 -13.66 -35.96
C GLN A 409 -2.74 -13.00 -36.51
N ASP A 410 -1.87 -13.80 -37.13
CA ASP A 410 -0.68 -13.28 -37.80
C ASP A 410 -0.88 -13.30 -39.33
N LYS A 411 0.08 -12.74 -40.07
CA LYS A 411 0.12 -12.81 -41.55
C LYS A 411 0.09 -14.25 -42.07
N ASP A 412 -0.36 -14.44 -43.31
CA ASP A 412 -0.30 -15.73 -44.03
C ASP A 412 -1.09 -16.89 -43.38
N ARG A 413 -2.20 -16.54 -42.73
CA ARG A 413 -3.06 -17.54 -42.08
C ARG A 413 -2.38 -18.26 -40.89
N LYS A 414 -1.30 -17.68 -40.36
CA LYS A 414 -0.62 -18.23 -39.17
C LYS A 414 -1.21 -17.59 -37.93
N ARG A 415 -1.06 -18.27 -36.81
CA ARG A 415 -1.52 -17.76 -35.52
C ARG A 415 -0.50 -18.01 -34.43
N SER A 416 -0.63 -17.23 -33.38
CA SER A 416 0.22 -17.41 -32.23
C SER A 416 -0.51 -17.10 -30.93
N VAL A 417 0.11 -17.59 -29.85
CA VAL A 417 -0.31 -17.28 -28.48
CA VAL A 417 -0.31 -17.26 -28.49
C VAL A 417 0.66 -16.23 -27.93
N GLY A 418 0.09 -15.17 -27.39
CA GLY A 418 0.84 -14.10 -26.78
C GLY A 418 0.45 -13.92 -25.33
N LEU A 419 1.39 -13.35 -24.58
CA LEU A 419 1.23 -13.05 -23.17
C LEU A 419 1.78 -11.65 -22.96
N ARG A 420 0.91 -10.70 -22.61
CA ARG A 420 1.25 -9.29 -22.55
C ARG A 420 0.92 -8.73 -21.19
N TYR A 421 1.88 -8.07 -20.54
CA TYR A 421 1.62 -7.46 -19.22
C TYR A 421 1.52 -5.95 -19.37
N LYS A 422 0.38 -5.40 -18.98
CA LYS A 422 0.16 -3.97 -18.98
C LYS A 422 0.30 -3.44 -17.54
N LEU A 423 1.32 -2.60 -17.29
CA LEU A 423 1.55 -1.98 -16.01
C LEU A 423 2.01 -0.53 -16.22
N GLY A 424 1.05 0.39 -16.18
CA GLY A 424 1.35 1.80 -16.41
C GLY A 424 1.99 1.97 -17.77
N GLU A 425 3.18 2.60 -17.81
CA GLU A 425 3.92 2.81 -19.08
C GLU A 425 4.56 1.54 -19.65
N ILE A 426 4.52 0.42 -18.91
CA ILE A 426 5.00 -0.84 -19.46
C ILE A 426 3.87 -1.63 -20.13
N THR A 427 4.12 -1.95 -21.41
CA THR A 427 3.37 -3.00 -22.10
CA THR A 427 3.38 -2.96 -22.16
C THR A 427 4.41 -4.01 -22.57
N HIS A 428 4.50 -5.11 -21.82
CA HIS A 428 5.57 -6.09 -21.95
C HIS A 428 5.07 -7.41 -22.52
N TYR A 429 5.61 -7.79 -23.68
CA TYR A 429 5.34 -9.09 -24.32
C TYR A 429 6.27 -10.15 -23.73
N ALA A 430 5.72 -10.97 -22.83
CA ALA A 430 6.49 -12.02 -22.18
C ALA A 430 6.76 -13.17 -23.12
N LYS A 431 5.74 -13.53 -23.91
CA LYS A 431 5.83 -14.65 -24.85
C LYS A 431 5.04 -14.37 -26.13
N GLU A 432 5.57 -14.88 -27.24
CA GLU A 432 4.87 -14.92 -28.52
C GLU A 432 5.26 -16.26 -29.15
N VAL A 433 4.33 -17.23 -29.13
CA VAL A 433 4.64 -18.60 -29.56
C VAL A 433 3.77 -19.02 -30.74
N SER A 434 4.42 -19.49 -31.80
CA SER A 434 3.74 -19.92 -33.02
C SER A 434 2.87 -21.15 -32.75
N LEU A 435 1.65 -21.14 -33.28
CA LEU A 435 0.70 -22.24 -33.08
C LEU A 435 0.75 -23.24 -34.24
N PRO A 436 0.30 -24.50 -34.01
CA PRO A 436 0.10 -25.41 -35.14
C PRO A 436 -1.18 -25.02 -35.87
N THR A 437 -1.18 -25.11 -37.19
CA THR A 437 -2.28 -24.56 -37.99
C THR A 437 -3.63 -25.30 -37.79
N ASP A 438 -3.59 -26.55 -37.35
CA ASP A 438 -4.80 -27.25 -36.89
C ASP A 438 -4.69 -27.53 -35.39
N GLY A 439 -5.81 -27.34 -34.68
CA GLY A 439 -5.91 -27.73 -33.27
C GLY A 439 -6.60 -26.66 -32.45
N GLU A 440 -7.64 -27.03 -31.72
CA GLU A 440 -8.36 -26.06 -30.89
C GLU A 440 -7.45 -25.66 -29.74
N VAL A 441 -7.34 -24.36 -29.51
CA VAL A 441 -6.51 -23.85 -28.41
C VAL A 441 -7.38 -23.62 -27.19
N GLU A 442 -6.96 -24.18 -26.05
CA GLU A 442 -7.49 -23.79 -24.73
C GLU A 442 -6.44 -22.93 -23.96
N LEU A 443 -6.85 -21.73 -23.53
CA LEU A 443 -5.99 -20.82 -22.79
C LEU A 443 -6.19 -21.06 -21.29
N VAL A 444 -5.10 -21.06 -20.53
CA VAL A 444 -5.10 -21.49 -19.12
C VAL A 444 -4.37 -20.48 -18.22
N VAL A 445 -5.03 -20.06 -17.14
CA VAL A 445 -4.48 -19.15 -16.15
C VAL A 445 -4.59 -19.85 -14.81
N LYS A 446 -3.46 -20.08 -14.17
CA LYS A 446 -3.43 -20.60 -12.81
C LYS A 446 -2.90 -19.52 -11.87
N SER A 447 -3.15 -19.69 -10.58
CA SER A 447 -2.52 -18.84 -9.61
C SER A 447 -2.29 -19.49 -8.27
N ASP A 448 -1.32 -18.94 -7.55
CA ASP A 448 -1.21 -19.08 -6.11
C ASP A 448 -1.01 -17.67 -5.54
N ILE A 449 -0.78 -17.56 -4.23
CA ILE A 449 -0.68 -16.26 -3.59
C ILE A 449 0.47 -15.40 -4.15
N ASN A 450 1.51 -16.05 -4.69
CA ASN A 450 2.70 -15.38 -5.18
C ASN A 450 2.70 -15.04 -6.68
N TYR A 451 2.21 -15.95 -7.51
CA TYR A 451 2.28 -15.78 -8.97
C TYR A 451 1.02 -16.19 -9.69
N TYR A 452 0.75 -15.52 -10.82
CA TYR A 452 -0.07 -16.08 -11.89
C TYR A 452 0.82 -16.90 -12.82
N TYR A 453 0.33 -18.08 -13.23
CA TYR A 453 1.01 -18.93 -14.20
C TYR A 453 0.12 -19.02 -15.40
N PHE A 454 0.74 -19.05 -16.56
CA PHE A 454 0.01 -18.96 -17.82
C PHE A 454 0.45 -20.12 -18.69
N GLY A 455 -0.48 -20.61 -19.50
CA GLY A 455 -0.20 -21.67 -20.44
C GLY A 455 -1.34 -21.86 -21.43
N TYR A 456 -1.14 -22.82 -22.33
CA TYR A 456 -2.17 -23.17 -23.31
C TYR A 456 -2.11 -24.66 -23.63
N LYS A 457 -3.27 -25.22 -23.97
CA LYS A 457 -3.40 -26.62 -24.30
C LYS A 457 -3.91 -26.72 -25.74
N VAL A 458 -3.19 -27.48 -26.56
CA VAL A 458 -3.60 -27.77 -27.95
C VAL A 458 -3.15 -29.19 -28.31
N ASN A 459 -4.03 -29.94 -28.98
CA ASN A 459 -3.81 -31.35 -29.36
C ASN A 459 -3.38 -32.23 -28.18
N GLY A 460 -4.02 -32.00 -27.04
CA GLY A 460 -3.80 -32.80 -25.84
C GLY A 460 -2.53 -32.53 -25.04
N ILE A 461 -1.77 -31.50 -25.41
CA ILE A 461 -0.51 -31.18 -24.72
C ILE A 461 -0.56 -29.76 -24.15
N TYR A 462 -0.30 -29.66 -22.85
CA TYR A 462 -0.23 -28.38 -22.15
C TYR A 462 1.18 -27.77 -22.27
N HIS A 463 1.26 -26.48 -22.58
CA HIS A 463 2.55 -25.75 -22.64
C HIS A 463 2.56 -24.61 -21.66
N ASP A 464 3.57 -24.59 -20.79
CA ASP A 464 3.77 -23.50 -19.83
CA ASP A 464 3.74 -23.48 -19.83
C ASP A 464 4.35 -22.27 -20.54
N LEU A 465 3.76 -21.10 -20.29
CA LEU A 465 4.24 -19.82 -20.83
C LEU A 465 4.92 -18.96 -19.78
N GLY A 466 4.98 -19.41 -18.53
CA GLY A 466 5.79 -18.76 -17.48
C GLY A 466 4.86 -18.07 -16.50
N LYS A 467 5.43 -17.22 -15.63
CA LYS A 467 4.73 -16.69 -14.46
C LYS A 467 4.98 -15.21 -14.23
N MET A 468 4.07 -14.58 -13.47
CA MET A 468 4.18 -13.17 -13.16
C MET A 468 3.63 -12.89 -11.76
N ASN A 469 4.27 -11.94 -11.07
CA ASN A 469 3.98 -11.68 -9.66
C ASN A 469 2.55 -11.18 -9.49
N THR A 470 1.90 -11.62 -8.43
CA THR A 470 0.54 -11.14 -8.12
C THR A 470 0.49 -9.69 -7.64
N ARG A 471 1.52 -9.23 -6.92
CA ARG A 471 1.49 -7.91 -6.25
CA ARG A 471 1.47 -7.91 -6.25
C ARG A 471 1.22 -6.73 -7.18
N TYR A 472 1.68 -6.81 -8.43
CA TYR A 472 1.46 -5.69 -9.37
C TYR A 472 -0.01 -5.45 -9.75
N LEU A 473 -0.90 -6.41 -9.51
CA LEU A 473 -2.34 -6.19 -9.71
C LEU A 473 -3.12 -5.92 -8.41
N SER A 474 -2.44 -5.73 -7.29
CA SER A 474 -3.14 -5.51 -6.01
C SER A 474 -3.72 -4.11 -5.97
N THR A 475 -4.66 -3.91 -5.06
CA THR A 475 -5.22 -2.59 -4.76
C THR A 475 -4.13 -1.62 -4.26
N GLU A 476 -3.20 -2.13 -3.46
CA GLU A 476 -2.14 -1.30 -2.93
C GLU A 476 -1.25 -0.80 -4.06
N THR A 477 -0.99 -1.64 -5.06
CA THR A 477 -0.18 -1.22 -6.20
C THR A 477 -1.00 -0.39 -7.18
N ALA A 478 -2.15 -0.92 -7.58
CA ALA A 478 -2.91 -0.38 -8.73
C ALA A 478 -3.90 0.71 -8.36
N GLY A 479 -4.22 0.81 -7.07
CA GLY A 479 -5.22 1.75 -6.58
C GLY A 479 -6.64 1.23 -6.68
N GLY A 480 -7.58 2.06 -6.25
CA GLY A 480 -9.01 1.79 -6.40
C GLY A 480 -9.66 0.95 -5.30
N PHE A 481 -10.86 0.46 -5.61
CA PHE A 481 -11.76 -0.10 -4.61
C PHE A 481 -12.23 -1.51 -4.93
N THR A 482 -11.54 -2.20 -5.84
CA THR A 482 -12.06 -3.42 -6.44
C THR A 482 -11.05 -4.60 -6.32
N GLY A 483 -11.37 -5.72 -6.97
CA GLY A 483 -10.52 -6.89 -6.98
C GLY A 483 -10.28 -7.37 -8.39
N VAL A 484 -9.35 -8.30 -8.53
CA VAL A 484 -9.06 -8.93 -9.81
C VAL A 484 -10.28 -9.69 -10.36
N VAL A 485 -10.56 -9.47 -11.64
CA VAL A 485 -11.56 -10.21 -12.39
C VAL A 485 -10.86 -10.95 -13.54
N LEU A 486 -11.44 -12.07 -13.96
CA LEU A 486 -10.91 -12.88 -15.06
C LEU A 486 -11.88 -12.78 -16.26
N GLY A 487 -11.47 -12.09 -17.32
CA GLY A 487 -12.38 -11.73 -18.39
C GLY A 487 -12.08 -12.40 -19.70
N LEU A 488 -13.12 -12.79 -20.42
CA LEU A 488 -13.00 -13.20 -21.82
C LEU A 488 -13.12 -11.95 -22.65
N TYR A 489 -12.29 -11.83 -23.67
CA TYR A 489 -12.24 -10.58 -24.43
C TYR A 489 -11.81 -10.78 -25.88
N ILE A 490 -12.15 -9.80 -26.70
CA ILE A 490 -11.68 -9.76 -28.08
C ILE A 490 -11.44 -8.31 -28.51
N THR A 491 -10.31 -8.08 -29.18
CA THR A 491 -9.93 -6.77 -29.70
CA THR A 491 -9.96 -6.78 -29.71
C THR A 491 -9.44 -6.90 -31.14
N SER A 492 -10.04 -6.14 -32.07
CA SER A 492 -9.50 -6.05 -33.43
C SER A 492 -8.47 -4.91 -33.55
N ALA A 493 -7.43 -5.12 -34.37
N ALA A 493 -7.51 -5.09 -34.46
CA ALA A 493 -6.46 -4.08 -34.69
CA ALA A 493 -6.60 -4.03 -34.88
C ALA A 493 -6.04 -4.20 -36.16
C ALA A 493 -7.34 -2.94 -35.67
N SER A 494 -7.01 -4.06 -37.05
N SER A 494 -8.37 -3.34 -36.41
CA SER A 494 -6.77 -4.28 -38.47
CA SER A 494 -9.09 -2.39 -37.25
C SER A 494 -7.88 -3.61 -39.29
C SER A 494 -10.59 -2.49 -37.00
N LYS A 495 -7.58 -3.31 -40.55
N LYS A 495 -11.33 -1.42 -37.29
CA LYS A 495 -8.52 -2.58 -41.38
CA LYS A 495 -12.77 -1.40 -37.05
C LYS A 495 -9.87 -3.29 -41.47
C LYS A 495 -13.44 -2.13 -38.19
N ASP A 496 -10.93 -2.58 -41.12
N ASP A 496 -12.75 -2.15 -39.32
CA ASP A 496 -12.29 -3.03 -41.39
CA ASP A 496 -13.25 -2.84 -40.50
C ASP A 496 -12.57 -4.46 -40.85
C ASP A 496 -13.03 -4.35 -40.48
N SER A 497 -12.12 -4.80 -39.61
CA SER A 497 -12.25 -6.17 -39.10
C SER A 497 -13.69 -6.50 -38.72
N LYS A 498 -14.13 -7.70 -39.10
CA LYS A 498 -15.39 -8.27 -38.68
C LYS A 498 -15.09 -9.51 -37.82
N ALA A 499 -13.97 -9.48 -37.10
CA ALA A 499 -13.55 -10.64 -36.30
C ALA A 499 -14.52 -10.92 -35.17
N TYR A 500 -14.67 -12.20 -34.85
CA TYR A 500 -15.36 -12.63 -33.67
C TYR A 500 -14.67 -13.87 -33.15
N ALA A 501 -14.98 -14.23 -31.91
CA ALA A 501 -14.43 -15.42 -31.29
C ALA A 501 -15.49 -16.14 -30.48
N ASP A 502 -15.45 -17.47 -30.55
CA ASP A 502 -16.39 -18.33 -29.83
C ASP A 502 -15.71 -19.02 -28.66
N PHE A 503 -16.40 -19.04 -27.53
CA PHE A 503 -15.90 -19.64 -26.29
C PHE A 503 -16.95 -20.65 -25.84
N GLU A 504 -16.61 -21.93 -25.92
CA GLU A 504 -17.55 -23.02 -25.65
C GLU A 504 -17.87 -23.18 -24.18
N TYR A 505 -16.89 -22.91 -23.34
CA TYR A 505 -17.11 -22.92 -21.90
C TYR A 505 -16.10 -22.02 -21.18
N PHE A 506 -16.31 -21.87 -19.88
CA PHE A 506 -15.33 -21.23 -19.02
C PHE A 506 -15.20 -22.09 -17.77
N LYS A 507 -14.01 -22.65 -17.57
CA LYS A 507 -13.73 -23.45 -16.37
C LYS A 507 -13.10 -22.57 -15.29
N TYR A 508 -13.58 -22.73 -14.06
CA TYR A 508 -12.99 -22.10 -12.89
C TYR A 508 -13.07 -23.10 -11.74
N LYS A 509 -11.93 -23.40 -11.13
CA LYS A 509 -11.90 -24.20 -9.92
C LYS A 509 -10.93 -23.62 -8.86
N GLY A 510 -11.44 -23.31 -7.67
CA GLY A 510 -10.62 -22.89 -6.53
C GLY A 510 -10.23 -24.05 -5.65
N LYS A 511 -9.10 -23.95 -4.96
CA LYS A 511 -8.65 -25.03 -4.07
C LYS A 511 -9.46 -25.03 -2.78
N GLN B 11 11.29 32.67 13.40
CA GLN B 11 9.89 32.40 12.92
C GLN B 11 9.88 31.69 11.54
N GLY B 12 9.50 30.43 11.55
CA GLY B 12 9.20 29.68 10.35
C GLY B 12 10.24 28.64 10.04
N TYR B 13 9.79 27.43 9.70
CA TYR B 13 10.61 26.47 8.96
C TYR B 13 9.75 25.55 8.12
N SER B 14 10.41 24.81 7.23
CA SER B 14 9.78 23.82 6.37
C SER B 14 10.09 22.43 6.84
N ASN B 15 9.06 21.56 6.81
CA ASN B 15 9.21 20.11 7.02
C ASN B 15 9.18 19.40 5.66
N PRO B 16 9.84 18.25 5.48
CA PRO B 16 10.75 17.64 6.44
C PRO B 16 12.01 18.48 6.64
N VAL B 17 12.60 18.40 7.83
CA VAL B 17 13.89 19.04 8.09
C VAL B 17 15.06 18.23 7.52
N ILE B 18 14.90 16.92 7.33
CA ILE B 18 15.91 16.11 6.60
C ILE B 18 15.14 15.27 5.57
N PRO B 19 15.08 15.78 4.33
CA PRO B 19 14.27 15.09 3.32
C PRO B 19 14.92 13.83 2.80
N GLY B 20 14.14 13.01 2.11
CA GLY B 20 14.62 11.69 1.63
C GLY B 20 14.77 10.66 2.75
N PHE B 21 15.35 9.52 2.40
CA PHE B 21 15.39 8.31 3.24
C PHE B 21 16.19 8.52 4.55
N HIS B 22 15.51 9.03 5.57
CA HIS B 22 16.07 9.28 6.88
C HIS B 22 15.07 8.94 7.99
N PRO B 23 14.84 7.63 8.21
CA PRO B 23 13.83 7.19 9.16
C PRO B 23 14.31 7.08 10.59
N ASP B 24 13.37 6.93 11.51
CA ASP B 24 13.66 6.63 12.92
C ASP B 24 14.67 7.62 13.53
N PRO B 25 14.39 8.93 13.43
CA PRO B 25 15.34 9.87 13.97
C PRO B 25 15.42 9.80 15.50
N SER B 26 16.62 9.79 16.02
CA SER B 26 16.90 10.03 17.43
C SER B 26 17.93 11.18 17.53
N VAL B 27 17.77 12.02 18.57
CA VAL B 27 18.53 13.22 18.75
C VAL B 27 19.01 13.36 20.20
N CYS B 28 20.22 13.89 20.38
CA CYS B 28 20.71 14.28 21.70
C CYS B 28 21.29 15.68 21.72
N LYS B 29 21.30 16.25 22.92
CA LYS B 29 21.77 17.59 23.18
C LYS B 29 23.12 17.46 23.89
N ALA B 30 24.16 18.08 23.33
CA ALA B 30 25.49 18.19 23.95
C ALA B 30 25.85 19.68 24.01
N GLY B 31 25.55 20.30 25.14
CA GLY B 31 25.65 21.74 25.28
C GLY B 31 24.75 22.49 24.31
N ASP B 32 25.37 23.28 23.42
CA ASP B 32 24.66 24.02 22.36
C ASP B 32 24.59 23.24 21.04
N ASP B 33 25.09 22.02 21.01
CA ASP B 33 25.08 21.20 19.81
C ASP B 33 24.06 20.04 19.89
N TYR B 34 23.36 19.84 18.78
CA TYR B 34 22.47 18.70 18.60
C TYR B 34 23.09 17.73 17.61
N TYR B 35 22.99 16.46 17.94
CA TYR B 35 23.36 15.35 17.05
C TYR B 35 22.20 14.38 16.86
N LEU B 36 22.03 13.94 15.61
CA LEU B 36 20.90 13.15 15.19
C LEU B 36 21.34 11.99 14.31
N VAL B 37 20.72 10.83 14.52
CA VAL B 37 20.96 9.61 13.74
C VAL B 37 19.67 9.06 13.11
N ASN B 38 19.81 8.37 11.98
CA ASN B 38 18.72 7.68 11.30
C ASN B 38 19.07 6.21 11.07
N SER B 39 18.05 5.37 10.96
CA SER B 39 18.22 3.99 10.48
C SER B 39 18.64 3.95 8.99
N SER B 40 19.44 2.94 8.63
CA SER B 40 20.01 2.82 7.27
C SER B 40 19.85 1.46 6.58
N PHE B 41 19.30 0.47 7.28
CA PHE B 41 18.90 -0.82 6.72
C PHE B 41 20.02 -1.56 6.01
N GLN B 42 19.97 -1.74 4.68
CA GLN B 42 21.00 -2.52 3.98
C GLN B 42 22.24 -1.73 3.52
N TYR B 43 22.26 -0.43 3.79
CA TYR B 43 23.27 0.46 3.24
C TYR B 43 24.51 0.69 4.12
N PHE B 44 25.65 0.76 3.45
CA PHE B 44 26.94 0.99 4.05
C PHE B 44 27.62 2.22 3.40
N PRO B 45 28.15 3.17 4.18
CA PRO B 45 28.16 3.14 5.67
C PRO B 45 26.77 3.29 6.28
N GLY B 46 26.64 2.90 7.54
CA GLY B 46 25.37 2.89 8.27
C GLY B 46 25.23 3.97 9.33
N VAL B 47 23.99 4.31 9.62
CA VAL B 47 23.61 5.26 10.64
C VAL B 47 24.15 6.65 10.33
N PRO B 48 23.53 7.36 9.38
CA PRO B 48 23.96 8.73 9.13
C PRO B 48 23.89 9.59 10.38
N LEU B 49 24.86 10.51 10.50
CA LEU B 49 25.06 11.31 11.68
C LEU B 49 25.08 12.77 11.24
N PHE B 50 24.15 13.53 11.82
CA PHE B 50 23.90 14.92 11.49
C PHE B 50 24.15 15.82 12.70
N HIS B 51 24.56 17.07 12.44
CA HIS B 51 24.81 18.11 13.45
C HIS B 51 23.94 19.32 13.15
N SER B 52 23.42 19.94 14.20
CA SER B 52 22.66 21.18 14.11
C SER B 52 22.83 22.07 15.33
N LYS B 53 22.58 23.36 15.13
CA LYS B 53 22.53 24.33 16.22
C LYS B 53 21.12 24.80 16.51
N ASP B 54 20.19 24.54 15.60
CA ASP B 54 18.82 25.07 15.72
C ASP B 54 17.67 24.04 15.63
N LEU B 55 18.00 22.76 15.45
CA LEU B 55 17.04 21.67 15.18
C LEU B 55 16.36 21.67 13.80
N VAL B 56 16.52 22.77 13.03
CA VAL B 56 15.93 22.92 11.70
C VAL B 56 16.88 22.56 10.56
N HIS B 57 18.12 23.07 10.64
CA HIS B 57 19.15 22.85 9.61
C HIS B 57 20.16 21.85 10.12
N TRP B 58 20.46 20.85 9.30
CA TRP B 58 21.27 19.73 9.71
C TRP B 58 22.31 19.52 8.65
N GLU B 59 23.53 19.20 9.08
CA GLU B 59 24.63 18.87 8.19
C GLU B 59 25.02 17.44 8.47
N GLN B 60 25.17 16.63 7.43
CA GLN B 60 25.63 15.25 7.64
C GLN B 60 27.13 15.29 7.85
N ILE B 61 27.56 15.11 9.09
CA ILE B 61 28.97 15.15 9.45
C ILE B 61 29.66 13.80 9.30
N GLY B 62 28.88 12.74 9.11
CA GLY B 62 29.48 11.41 8.96
C GLY B 62 28.43 10.31 9.05
N ASN B 63 28.90 9.16 9.49
CA ASN B 63 28.09 7.97 9.74
C ASN B 63 28.69 7.30 10.98
N CYS B 64 27.85 6.72 11.85
CA CYS B 64 28.39 6.01 13.03
C CYS B 64 29.06 4.69 12.69
N LEU B 65 28.58 4.01 11.65
CA LEU B 65 29.09 2.69 11.33
C LEU B 65 29.81 2.75 9.98
N THR B 66 31.14 2.90 10.08
CA THR B 66 32.01 3.20 8.92
C THR B 66 32.98 2.08 8.53
N ARG B 67 33.09 1.05 9.35
CA ARG B 67 34.05 -0.02 9.14
C ARG B 67 33.31 -1.35 9.11
N PRO B 68 33.77 -2.32 8.29
CA PRO B 68 33.12 -3.63 8.20
C PRO B 68 32.98 -4.37 9.53
N SER B 69 33.98 -4.27 10.41
CA SER B 69 33.88 -4.89 11.74
C SER B 69 32.75 -4.31 12.61
N GLN B 70 32.30 -3.10 12.31
CA GLN B 70 31.12 -2.53 12.97
C GLN B 70 29.76 -2.94 12.40
N LEU B 71 29.73 -3.55 11.22
CA LEU B 71 28.51 -3.66 10.43
C LEU B 71 28.57 -4.76 9.36
N ASP B 72 28.17 -5.97 9.76
CA ASP B 72 27.97 -7.10 8.86
C ASP B 72 26.57 -6.98 8.25
N LEU B 73 26.53 -6.73 6.95
CA LEU B 73 25.29 -6.65 6.15
C LEU B 73 25.18 -7.74 5.10
N THR B 74 25.81 -8.89 5.37
CA THR B 74 25.67 -10.06 4.52
C THR B 74 24.19 -10.41 4.36
N ASN B 75 23.77 -10.47 3.11
CA ASN B 75 22.40 -10.78 2.71
C ASN B 75 21.32 -9.77 3.13
N ALA B 76 21.72 -8.57 3.54
CA ALA B 76 20.75 -7.57 3.98
C ALA B 76 19.98 -6.99 2.79
N ASN B 77 18.78 -6.51 3.05
CA ASN B 77 17.96 -5.90 2.01
C ASN B 77 17.08 -4.85 2.66
N SER B 78 16.09 -4.32 1.96
CA SER B 78 15.32 -3.19 2.49
C SER B 78 14.42 -3.52 3.68
N GLY B 79 14.30 -4.82 3.98
CA GLY B 79 13.61 -5.30 5.17
C GLY B 79 14.51 -5.68 6.34
N SER B 80 15.83 -5.55 6.21
CA SER B 80 16.72 -5.97 7.29
C SER B 80 17.89 -4.98 7.53
N GLY B 81 19.04 -5.47 8.02
CA GLY B 81 20.17 -4.64 8.31
C GLY B 81 19.93 -3.83 9.59
N ILE B 82 20.27 -2.55 9.53
CA ILE B 82 20.22 -1.64 10.68
C ILE B 82 18.82 -1.02 10.85
N PHE B 83 18.22 -1.27 12.00
CA PHE B 83 16.89 -0.75 12.31
C PHE B 83 17.07 0.53 13.17
N ALA B 84 16.00 1.03 13.81
CA ALA B 84 16.07 2.30 14.53
C ALA B 84 17.31 2.45 15.42
N PRO B 85 18.07 3.54 15.27
CA PRO B 85 19.14 3.87 16.22
C PRO B 85 18.72 4.90 17.23
N THR B 86 19.36 4.88 18.40
CA THR B 86 19.20 5.95 19.39
C THR B 86 20.57 6.53 19.73
N ILE B 87 20.66 7.85 19.83
CA ILE B 87 21.92 8.52 20.20
C ILE B 87 21.74 9.27 21.52
N ARG B 88 22.69 9.07 22.43
CA ARG B 88 22.67 9.73 23.73
C ARG B 88 24.05 10.28 24.10
N TYR B 89 24.03 11.26 24.99
CA TYR B 89 25.22 11.95 25.45
C TYR B 89 25.21 12.03 26.95
N ASN B 90 26.22 11.43 27.58
CA ASN B 90 26.30 11.41 29.04
C ASN B 90 27.76 11.52 29.48
N ASP B 91 28.06 12.50 30.34
CA ASP B 91 29.39 12.61 30.97
C ASP B 91 30.55 12.56 29.93
N GLY B 92 30.45 13.38 28.89
CA GLY B 92 31.46 13.45 27.85
C GLY B 92 31.43 12.40 26.76
N VAL B 93 30.59 11.35 26.88
CA VAL B 93 30.58 10.26 25.92
C VAL B 93 29.27 10.24 25.11
N PHE B 94 29.43 10.06 23.81
CA PHE B 94 28.33 9.78 22.89
C PHE B 94 28.16 8.27 22.71
N TYR B 95 26.91 7.83 22.80
CA TYR B 95 26.51 6.43 22.60
C TYR B 95 25.49 6.36 21.50
N MET B 96 25.69 5.46 20.54
CA MET B 96 24.71 5.14 19.50
C MET B 96 24.35 3.66 19.66
N ILE B 97 23.08 3.41 19.99
CA ILE B 97 22.58 2.07 20.28
C ILE B 97 21.57 1.72 19.20
N THR B 98 21.65 0.50 18.67
CA THR B 98 20.76 0.09 17.57
C THR B 98 20.72 -1.44 17.49
N THR B 99 20.07 -1.95 16.45
CA THR B 99 19.99 -3.38 16.19
C THR B 99 20.43 -3.67 14.77
N ASN B 100 21.38 -4.59 14.61
CA ASN B 100 21.62 -5.22 13.31
C ASN B 100 20.82 -6.53 13.25
N VAL B 101 19.64 -6.49 12.64
CA VAL B 101 18.75 -7.66 12.53
CA VAL B 101 18.78 -7.70 12.55
C VAL B 101 19.30 -8.70 11.52
N SER B 102 20.21 -8.30 10.65
CA SER B 102 20.89 -9.25 9.75
C SER B 102 22.03 -9.98 10.46
N GLY B 103 22.51 -9.45 11.57
CA GLY B 103 23.61 -10.04 12.32
C GLY B 103 23.24 -10.33 13.76
N LYS B 104 24.12 -9.94 14.68
CA LYS B 104 24.04 -10.33 16.07
C LYS B 104 23.14 -9.47 16.97
N GLY B 105 22.30 -8.62 16.39
CA GLY B 105 21.25 -7.96 17.17
C GLY B 105 21.66 -6.65 17.81
N ASN B 106 21.31 -6.48 19.09
CA ASN B 106 21.49 -5.19 19.74
C ASN B 106 22.92 -4.92 20.12
N PHE B 107 23.37 -3.71 19.81
CA PHE B 107 24.72 -3.28 20.21
C PHE B 107 24.78 -1.77 20.24
N LEU B 108 25.85 -1.29 20.84
CA LEU B 108 26.17 0.11 20.78
C LEU B 108 27.59 0.32 20.33
N VAL B 109 27.84 1.54 19.88
CA VAL B 109 29.19 2.05 19.69
C VAL B 109 29.22 3.38 20.40
N HIS B 110 30.43 3.81 20.76
CA HIS B 110 30.62 5.04 21.48
C HIS B 110 31.86 5.83 21.04
N THR B 111 31.89 7.08 21.46
CA THR B 111 33.01 7.98 21.16
C THR B 111 32.92 9.22 22.01
N THR B 112 34.06 9.86 22.23
CA THR B 112 34.14 11.17 22.86
CA THR B 112 34.11 11.17 22.86
C THR B 112 34.02 12.31 21.84
N ASP B 113 34.22 11.97 20.56
CA ASP B 113 34.23 12.95 19.48
C ASP B 113 33.40 12.40 18.32
N PRO B 114 32.23 13.01 18.05
CA PRO B 114 31.30 12.54 17.00
C PRO B 114 31.87 12.46 15.59
N ARG B 115 32.83 13.33 15.28
CA ARG B 115 33.45 13.38 13.94
CA ARG B 115 33.45 13.39 13.95
C ARG B 115 34.57 12.36 13.75
N SER B 116 34.99 11.69 14.82
CA SER B 116 36.01 10.63 14.71
C SER B 116 35.40 9.26 14.37
N GLU B 117 36.27 8.26 14.21
CA GLU B 117 35.82 6.87 14.14
C GLU B 117 35.20 6.47 15.48
N TRP B 118 34.04 5.80 15.44
CA TRP B 118 33.43 5.30 16.65
C TRP B 118 34.06 3.96 17.00
N SER B 119 33.77 3.48 18.22
CA SER B 119 34.27 2.19 18.70
C SER B 119 33.74 1.01 17.93
N GLU B 120 34.39 -0.13 18.16
CA GLU B 120 33.84 -1.43 17.79
C GLU B 120 32.51 -1.68 18.52
N PRO B 121 31.67 -2.60 18.00
CA PRO B 121 30.38 -2.87 18.65
C PRO B 121 30.54 -3.43 20.06
N VAL B 122 29.77 -2.89 20.99
CA VAL B 122 29.57 -3.50 22.29
C VAL B 122 28.24 -4.28 22.19
N TRP B 123 28.32 -5.61 22.11
CA TRP B 123 27.10 -6.43 21.95
C TRP B 123 26.35 -6.52 23.28
N LEU B 124 25.03 -6.39 23.20
CA LEU B 124 24.18 -6.33 24.37
C LEU B 124 23.26 -7.56 24.45
N GLU B 125 22.85 -7.93 25.67
CA GLU B 125 22.12 -9.18 25.92
C GLU B 125 20.62 -9.06 25.66
N GLN B 126 19.97 -8.00 26.13
CA GLN B 126 18.52 -7.91 26.00
C GLN B 126 18.11 -7.82 24.50
N GLY B 127 17.07 -8.57 24.13
CA GLY B 127 16.67 -8.78 22.73
C GLY B 127 15.64 -7.76 22.31
N GLY B 128 14.89 -8.08 21.27
CA GLY B 128 13.99 -7.12 20.65
C GLY B 128 14.76 -6.09 19.84
N ILE B 129 14.01 -5.12 19.32
CA ILE B 129 14.56 -4.05 18.49
C ILE B 129 14.35 -2.68 19.18
N ASP B 130 14.71 -1.60 18.48
CA ASP B 130 14.59 -0.22 18.95
C ASP B 130 15.11 0.00 20.36
N PRO B 131 16.36 -0.42 20.60
CA PRO B 131 16.96 -0.20 21.89
C PRO B 131 17.25 1.31 22.13
N SER B 132 17.18 1.75 23.39
CA SER B 132 17.37 3.15 23.77
C SER B 132 17.96 3.21 25.16
N LEU B 133 18.75 4.25 25.43
CA LEU B 133 19.39 4.43 26.74
C LEU B 133 18.90 5.69 27.44
N TYR B 134 18.87 5.62 28.76
CA TYR B 134 18.52 6.70 29.63
C TYR B 134 19.51 6.60 30.79
N PHE B 135 20.10 7.74 31.15
CA PHE B 135 21.10 7.80 32.22
C PHE B 135 20.59 8.60 33.43
N GLU B 136 20.88 8.12 34.63
CA GLU B 136 20.58 8.86 35.85
C GLU B 136 21.48 8.38 36.95
N ASP B 137 22.07 9.29 37.71
CA ASP B 137 22.78 8.91 38.96
C ASP B 137 23.90 7.89 38.76
N GLY B 138 24.63 8.03 37.67
CA GLY B 138 25.69 7.08 37.31
C GLY B 138 25.24 5.71 36.82
N LYS B 139 23.93 5.53 36.57
CA LYS B 139 23.40 4.24 36.10
C LYS B 139 22.93 4.42 34.67
N CYS B 140 23.02 3.34 33.89
CA CYS B 140 22.59 3.33 32.49
C CYS B 140 21.46 2.31 32.31
N PHE B 141 20.28 2.78 31.89
CA PHE B 141 19.09 1.96 31.75
C PHE B 141 18.78 1.77 30.28
N MET B 142 18.57 0.53 29.87
CA MET B 142 18.27 0.16 28.49
C MET B 142 16.82 -0.28 28.36
N VAL B 143 16.14 0.24 27.34
CA VAL B 143 14.85 -0.30 26.94
C VAL B 143 14.90 -0.86 25.51
N SER B 144 14.08 -1.88 25.26
CA SER B 144 13.79 -2.41 23.88
C SER B 144 12.42 -3.11 23.94
N ASN B 145 11.97 -3.72 22.85
CA ASN B 145 10.58 -4.17 22.76
C ASN B 145 10.37 -5.67 22.48
N PRO B 146 11.15 -6.55 23.14
CA PRO B 146 10.95 -8.00 22.84
C PRO B 146 9.50 -8.50 23.12
N ASP B 147 8.96 -9.25 22.15
CA ASP B 147 7.61 -9.84 22.22
CA ASP B 147 7.61 -9.84 22.21
C ASP B 147 6.52 -8.77 22.33
N GLY B 148 6.80 -7.57 21.85
CA GLY B 148 5.82 -6.48 21.93
C GLY B 148 5.75 -5.77 23.27
N TYR B 149 6.52 -6.23 24.27
CA TYR B 149 6.56 -5.57 25.57
C TYR B 149 7.80 -4.69 25.65
N ILE B 150 7.61 -3.47 26.17
CA ILE B 150 8.76 -2.65 26.49
C ILE B 150 9.40 -3.31 27.74
N ASN B 151 10.64 -3.75 27.57
CA ASN B 151 11.47 -4.28 28.64
C ASN B 151 12.54 -3.27 29.07
N LEU B 152 12.83 -3.25 30.37
CA LEU B 152 13.77 -2.37 31.01
C LEU B 152 14.83 -3.21 31.72
N CYS B 153 16.09 -2.84 31.57
CA CYS B 153 17.17 -3.37 32.43
C CYS B 153 18.23 -2.30 32.63
N GLU B 154 19.20 -2.59 33.51
CA GLU B 154 20.36 -1.75 33.68
C GLU B 154 21.52 -2.48 33.00
N ILE B 155 22.39 -1.70 32.33
CA ILE B 155 23.62 -2.20 31.71
C ILE B 155 24.86 -1.39 32.10
N ASP B 156 26.02 -1.99 31.91
CA ASP B 156 27.26 -1.24 31.85
C ASP B 156 27.52 -1.06 30.36
N PRO B 157 27.42 0.19 29.88
CA PRO B 157 27.50 0.44 28.43
C PRO B 157 28.88 0.31 27.84
N MET B 158 29.91 0.37 28.68
CA MET B 158 31.30 0.16 28.23
CA MET B 158 31.28 0.18 28.20
C MET B 158 31.63 -1.31 28.09
N THR B 159 31.23 -2.12 29.06
CA THR B 159 31.47 -3.58 28.99
C THR B 159 30.37 -4.34 28.26
N GLY B 160 29.18 -3.75 28.17
CA GLY B 160 28.01 -4.47 27.64
C GLY B 160 27.27 -5.41 28.58
N LYS B 161 27.76 -5.57 29.82
CA LYS B 161 27.16 -6.49 30.77
C LYS B 161 25.81 -5.98 31.25
N GLN B 162 24.83 -6.87 31.29
CA GLN B 162 23.53 -6.54 31.87
C GLN B 162 23.65 -6.66 33.37
N LEU B 163 23.19 -5.66 34.08
CA LEU B 163 23.39 -5.57 35.54
C LEU B 163 22.16 -5.90 36.38
N SER B 164 20.97 -5.91 35.75
CA SER B 164 19.72 -6.28 36.42
C SER B 164 18.87 -7.14 35.47
N SER B 165 17.91 -7.85 36.02
CA SER B 165 16.93 -8.62 35.23
C SER B 165 16.13 -7.71 34.31
N SER B 166 15.81 -8.20 33.11
CA SER B 166 14.83 -7.51 32.24
C SER B 166 13.43 -7.55 32.88
N LYS B 167 12.74 -6.42 32.88
CA LYS B 167 11.38 -6.31 33.40
C LYS B 167 10.48 -5.70 32.35
N ARG B 168 9.26 -6.24 32.23
CA ARG B 168 8.26 -5.70 31.33
C ARG B 168 7.64 -4.52 32.02
N ILE B 169 7.64 -3.34 31.38
CA ILE B 169 7.18 -2.11 32.05
C ILE B 169 5.93 -1.51 31.43
N TRP B 170 5.65 -1.81 30.18
CA TRP B 170 4.45 -1.30 29.50
C TRP B 170 4.29 -2.08 28.19
N ASN B 171 3.08 -2.12 27.65
CA ASN B 171 2.90 -2.64 26.30
CA ASN B 171 2.74 -2.76 26.39
C ASN B 171 2.05 -1.74 25.44
N GLY B 172 2.02 -0.47 25.84
CA GLY B 172 1.35 0.57 25.04
C GLY B 172 -0.12 0.67 25.34
N THR B 173 -0.83 1.44 24.53
CA THR B 173 -2.26 1.68 24.68
C THR B 173 -3.12 0.58 24.04
N GLY B 174 -2.49 -0.32 23.29
CA GLY B 174 -3.22 -1.38 22.63
C GLY B 174 -3.09 -1.37 21.13
N GLY B 175 -2.49 -0.33 20.57
CA GLY B 175 -2.20 -0.28 19.15
C GLY B 175 -1.15 -1.28 18.73
N ARG B 176 -1.11 -1.57 17.45
CA ARG B 176 -0.16 -2.56 16.91
C ARG B 176 1.32 -2.14 16.97
N TYR B 177 2.19 -3.13 17.04
CA TYR B 177 3.62 -2.95 16.93
C TYR B 177 4.21 -1.83 17.80
N ALA B 178 3.96 -1.94 19.10
CA ALA B 178 4.63 -1.08 20.09
C ALA B 178 6.13 -1.13 19.86
N GLU B 179 6.74 0.03 19.66
CA GLU B 179 8.17 0.13 19.32
C GLU B 179 8.72 1.51 19.66
N GLY B 180 9.99 1.76 19.32
CA GLY B 180 10.67 3.02 19.58
C GLY B 180 10.51 3.58 20.99
N PRO B 181 10.72 2.75 22.03
CA PRO B 181 10.61 3.30 23.37
C PRO B 181 11.75 4.27 23.78
N HIS B 182 11.41 5.36 24.47
CA HIS B 182 12.42 6.21 25.11
C HIS B 182 11.92 6.67 26.48
N ILE B 183 12.80 6.62 27.47
CA ILE B 183 12.49 7.15 28.80
C ILE B 183 13.09 8.55 28.99
N TYR B 184 12.29 9.46 29.57
CA TYR B 184 12.75 10.79 29.99
C TYR B 184 12.27 10.99 31.42
N LYS B 185 13.00 11.81 32.18
CA LYS B 185 12.56 12.17 33.51
C LYS B 185 12.26 13.64 33.55
N LYS B 186 11.08 14.00 34.01
CA LYS B 186 10.69 15.41 34.09
C LYS B 186 9.67 15.58 35.22
N ASP B 187 9.85 16.62 36.04
CA ASP B 187 8.89 16.96 37.09
C ASP B 187 8.57 15.77 38.03
N GLY B 188 9.58 14.94 38.30
CA GLY B 188 9.42 13.80 39.19
C GLY B 188 8.70 12.60 38.60
N TRP B 189 8.45 12.61 37.29
CA TRP B 189 7.83 11.52 36.57
C TRP B 189 8.83 10.89 35.60
N TYR B 190 8.82 9.57 35.51
CA TYR B 190 9.42 8.88 34.37
C TYR B 190 8.39 8.84 33.29
N TYR B 191 8.71 9.47 32.16
CA TYR B 191 7.86 9.44 30.98
C TYR B 191 8.40 8.39 30.01
N LEU B 192 7.50 7.56 29.47
CA LEU B 192 7.81 6.53 28.48
C LEU B 192 7.03 6.88 27.22
N LEU B 193 7.78 7.20 26.18
CA LEU B 193 7.22 7.54 24.89
CA LEU B 193 7.27 7.56 24.87
C LEU B 193 7.47 6.36 23.97
N ILE B 194 6.46 6.01 23.17
CA ILE B 194 6.62 4.90 22.21
C ILE B 194 5.87 5.20 20.92
N SER B 195 6.12 4.35 19.94
CA SER B 195 5.35 4.35 18.71
CA SER B 195 5.39 4.34 18.68
C SER B 195 4.41 3.15 18.65
N GLU B 196 3.22 3.37 18.11
CA GLU B 196 2.23 2.32 17.87
C GLU B 196 1.62 2.58 16.49
N GLY B 197 0.82 1.62 16.04
CA GLY B 197 0.04 1.77 14.82
C GLY B 197 0.70 1.27 13.55
N GLY B 198 1.97 0.84 13.62
CA GLY B 198 2.72 0.55 12.41
C GLY B 198 3.25 1.81 11.73
N THR B 199 4.21 1.65 10.84
CA THR B 199 4.91 2.78 10.18
C THR B 199 4.27 3.16 8.82
N GLU B 200 3.00 2.79 8.59
CA GLU B 200 2.20 3.25 7.45
C GLU B 200 1.17 4.27 7.97
N LEU B 201 -0.05 4.32 7.43
CA LEU B 201 -0.99 5.42 7.75
C LEU B 201 -1.46 5.49 9.20
N GLY B 202 -1.35 4.37 9.93
CA GLY B 202 -1.79 4.30 11.30
C GLY B 202 -0.75 4.71 12.34
N HIS B 203 0.46 5.07 11.90
CA HIS B 203 1.53 5.49 12.83
C HIS B 203 1.06 6.58 13.82
N LYS B 204 1.43 6.41 15.08
CA LYS B 204 1.07 7.39 16.09
C LYS B 204 2.08 7.31 17.22
N VAL B 205 2.20 8.40 17.95
CA VAL B 205 3.06 8.48 19.13
C VAL B 205 2.21 8.48 20.39
N THR B 206 2.58 7.64 21.35
CA THR B 206 1.86 7.58 22.61
C THR B 206 2.86 7.74 23.75
N ILE B 207 2.36 8.21 24.89
CA ILE B 207 3.21 8.45 26.05
C ILE B 207 2.52 8.03 27.32
N ALA B 208 3.32 7.55 28.26
CA ALA B 208 2.82 7.17 29.57
C ALA B 208 3.78 7.67 30.64
N ARG B 209 3.35 7.64 31.90
CA ARG B 209 4.24 8.04 32.99
C ARG B 209 4.04 7.27 34.27
N SER B 210 5.10 7.26 35.09
CA SER B 210 5.09 6.64 36.40
C SER B 210 6.07 7.37 37.31
N ARG B 211 5.84 7.31 38.60
CA ARG B 211 6.79 7.79 39.59
C ARG B 211 8.00 6.87 39.77
N TYR B 212 7.93 5.64 39.25
CA TYR B 212 9.04 4.69 39.33
C TYR B 212 9.40 4.30 37.90
N ILE B 213 10.70 4.18 37.65
CA ILE B 213 11.17 3.85 36.30
C ILE B 213 10.69 2.46 35.84
N ASP B 214 10.51 1.55 36.79
CA ASP B 214 9.99 0.21 36.53
C ASP B 214 8.45 0.07 36.62
N GLY B 215 7.73 1.18 36.71
CA GLY B 215 6.28 1.17 36.63
C GLY B 215 5.58 1.05 37.97
N PRO B 216 4.25 0.92 37.94
CA PRO B 216 3.46 0.81 36.72
C PRO B 216 3.28 2.12 35.99
N TYR B 217 3.11 2.03 34.66
CA TYR B 217 2.96 3.19 33.78
C TYR B 217 1.48 3.43 33.47
N GLN B 218 1.06 4.69 33.54
CA GLN B 218 -0.30 5.09 33.21
CA GLN B 218 -0.30 5.11 33.24
C GLN B 218 -0.28 5.95 31.96
N GLY B 219 -1.14 5.59 31.00
CA GLY B 219 -1.17 6.25 29.71
C GLY B 219 -1.75 7.65 29.79
N ASN B 220 -1.28 8.53 28.90
CA ASN B 220 -1.83 9.87 28.77
C ASN B 220 -3.27 9.77 28.27
N PRO B 221 -4.25 10.26 29.06
CA PRO B 221 -5.64 10.32 28.59
C PRO B 221 -5.80 10.88 27.17
N ALA B 222 -4.96 11.83 26.78
CA ALA B 222 -5.03 12.44 25.45
C ALA B 222 -4.30 11.65 24.36
N ASN B 223 -3.77 10.45 24.64
CA ASN B 223 -3.07 9.69 23.58
C ASN B 223 -3.95 9.48 22.34
N PRO B 224 -3.40 9.44 21.13
CA PRO B 224 -2.01 9.67 20.84
C PRO B 224 -1.69 11.15 20.81
N ILE B 225 -0.48 11.51 21.26
CA ILE B 225 -0.01 12.90 21.21
C ILE B 225 0.43 13.41 19.82
N LEU B 226 0.74 12.50 18.91
CA LEU B 226 1.05 12.87 17.54
C LEU B 226 0.59 11.78 16.58
N THR B 227 -0.28 12.15 15.64
CA THR B 227 -0.65 11.26 14.56
C THR B 227 -1.37 12.02 13.47
N HIS B 228 -1.19 11.54 12.25
CA HIS B 228 -2.03 11.94 11.12
C HIS B 228 -3.08 10.88 10.73
N ALA B 229 -3.22 9.83 11.52
CA ALA B 229 -4.18 8.74 11.24
C ALA B 229 -5.65 9.15 11.40
N ASN B 230 -5.92 10.15 12.22
CA ASN B 230 -7.28 10.50 12.59
C ASN B 230 -7.86 11.52 11.62
N GLU B 231 -9.08 11.97 11.87
CA GLU B 231 -9.73 12.89 10.95
C GLU B 231 -8.93 14.19 10.75
N SER B 232 -8.31 14.68 11.82
CA SER B 232 -7.50 15.90 11.78
C SER B 232 -6.27 15.81 10.87
N GLY B 233 -5.83 14.59 10.53
CA GLY B 233 -4.69 14.44 9.62
C GLY B 233 -4.99 13.86 8.26
N GLN B 234 -6.23 13.47 7.99
CA GLN B 234 -6.53 12.68 6.77
C GLN B 234 -6.21 13.42 5.47
N SER B 235 -6.36 14.75 5.46
CA SER B 235 -6.13 15.61 4.29
CA SER B 235 -6.12 15.56 4.26
C SER B 235 -4.66 15.99 4.11
N SER B 236 -3.81 15.70 5.09
CA SER B 236 -2.44 16.14 5.06
C SER B 236 -1.67 15.47 3.94
N PRO B 237 -0.77 16.22 3.27
CA PRO B 237 0.17 15.57 2.36
C PRO B 237 1.24 14.78 3.11
N ILE B 238 1.38 15.00 4.42
CA ILE B 238 2.27 14.19 5.25
C ILE B 238 1.43 13.09 5.92
N GLN B 239 1.93 11.85 5.89
CA GLN B 239 1.29 10.75 6.57
C GLN B 239 2.34 9.93 7.32
N GLY B 240 1.87 9.09 8.24
CA GLY B 240 2.72 8.12 8.93
C GLY B 240 3.64 8.72 9.95
N THR B 241 3.15 9.75 10.64
CA THR B 241 3.93 10.43 11.63
C THR B 241 4.19 9.55 12.86
N GLY B 242 5.46 9.38 13.24
CA GLY B 242 5.76 8.61 14.43
C GLY B 242 7.23 8.39 14.64
N HIS B 243 7.55 7.50 15.57
CA HIS B 243 8.92 7.24 15.98
C HIS B 243 9.65 8.53 16.42
N ALA B 244 9.12 9.14 17.48
CA ALA B 244 9.56 10.42 17.97
C ALA B 244 10.64 10.29 19.04
N ASP B 245 11.43 11.35 19.18
CA ASP B 245 12.39 11.51 20.28
C ASP B 245 12.28 12.96 20.75
N LEU B 246 12.08 13.16 22.04
CA LEU B 246 11.92 14.48 22.61
C LEU B 246 13.29 15.09 22.94
N VAL B 247 13.39 16.39 22.72
CA VAL B 247 14.65 17.12 22.96
C VAL B 247 14.40 18.55 23.44
N GLU B 248 15.25 19.00 24.34
CA GLU B 248 15.15 20.34 24.92
C GLU B 248 15.89 21.39 24.08
N GLY B 249 15.24 22.52 23.88
CA GLY B 249 15.86 23.68 23.25
C GLY B 249 16.90 24.31 24.16
N THR B 250 17.84 25.03 23.56
CA THR B 250 18.83 25.83 24.35
C THR B 250 18.15 26.94 25.18
N ASP B 251 16.97 27.38 24.75
CA ASP B 251 16.15 28.35 25.48
C ASP B 251 15.12 27.76 26.47
N GLY B 252 15.20 26.45 26.76
CA GLY B 252 14.21 25.78 27.61
C GLY B 252 12.89 25.35 26.96
N SER B 253 12.67 25.70 25.69
CA SER B 253 11.56 25.18 24.92
C SER B 253 11.70 23.64 24.68
N TRP B 254 10.62 23.00 24.23
CA TRP B 254 10.65 21.56 23.96
C TRP B 254 10.29 21.24 22.52
N TRP B 255 10.87 20.17 22.01
CA TRP B 255 10.76 19.80 20.61
C TRP B 255 10.73 18.28 20.46
N MET B 256 10.22 17.78 19.34
CA MET B 256 10.47 16.39 18.96
C MET B 256 10.84 16.24 17.50
N VAL B 257 11.78 15.35 17.23
CA VAL B 257 11.98 14.86 15.87
C VAL B 257 11.15 13.60 15.71
N CYS B 258 10.69 13.34 14.49
CA CYS B 258 9.93 12.14 14.21
C CYS B 258 10.07 11.81 12.74
N LEU B 259 9.64 10.61 12.36
CA LEU B 259 9.55 10.28 10.96
C LEU B 259 8.16 10.55 10.46
N ALA B 260 8.05 10.70 9.15
CA ALA B 260 6.78 10.66 8.44
C ALA B 260 7.13 10.51 6.94
N TYR B 261 6.12 10.46 6.08
CA TYR B 261 6.40 10.44 4.66
C TYR B 261 5.41 11.31 3.93
N ARG B 262 5.75 11.61 2.69
CA ARG B 262 4.91 12.46 1.84
C ARG B 262 4.25 11.59 0.78
N ILE B 263 2.93 11.67 0.76
CA ILE B 263 2.09 10.80 -0.05
CA ILE B 263 2.13 10.77 -0.06
C ILE B 263 2.11 11.25 -1.51
N MET B 264 1.95 10.28 -2.41
CA MET B 264 1.88 10.50 -3.85
C MET B 264 0.55 9.89 -4.31
N PRO B 265 0.11 10.16 -5.55
CA PRO B 265 -1.18 9.61 -5.98
C PRO B 265 -1.27 8.08 -5.86
N GLY B 266 -2.40 7.60 -5.34
CA GLY B 266 -2.63 6.18 -5.13
C GLY B 266 -2.09 5.67 -3.81
N THR B 267 -1.71 6.58 -2.93
CA THR B 267 -1.15 6.26 -1.62
C THR B 267 0.17 5.50 -1.81
N HIS B 268 1.13 6.22 -2.35
CA HIS B 268 2.48 5.73 -2.54
C HIS B 268 3.49 6.71 -1.95
N HIS B 269 4.66 6.19 -1.57
CA HIS B 269 5.75 7.06 -1.23
C HIS B 269 7.10 6.40 -1.64
N THR B 270 7.92 7.18 -2.33
CA THR B 270 9.21 6.75 -2.88
C THR B 270 10.44 7.39 -2.26
N LEU B 271 10.25 8.45 -1.49
CA LEU B 271 11.37 9.16 -0.89
C LEU B 271 11.72 8.64 0.49
N GLY B 272 11.14 7.50 0.87
CA GLY B 272 11.39 6.93 2.18
C GLY B 272 10.64 7.70 3.25
N ARG B 273 10.88 7.28 4.49
CA ARG B 273 10.44 8.03 5.64
C ARG B 273 11.54 9.03 5.94
N GLU B 274 11.14 10.28 6.21
CA GLU B 274 12.06 11.41 6.34
C GLU B 274 11.97 11.95 7.75
N THR B 275 12.87 12.87 8.10
CA THR B 275 12.92 13.41 9.45
C THR B 275 12.21 14.76 9.52
N TYR B 276 11.27 14.86 10.46
CA TYR B 276 10.40 16.02 10.62
C TYR B 276 10.62 16.55 12.01
N LEU B 277 10.29 17.82 12.21
CA LEU B 277 10.45 18.51 13.50
C LEU B 277 9.11 19.08 13.92
N ALA B 278 8.81 18.97 15.21
CA ALA B 278 7.61 19.53 15.78
C ALA B 278 7.90 20.25 17.09
N PRO B 279 7.26 21.40 17.31
CA PRO B 279 7.33 22.02 18.61
C PRO B 279 6.41 21.33 19.63
N VAL B 280 6.79 21.42 20.90
CA VAL B 280 6.09 20.72 21.99
C VAL B 280 5.92 21.64 23.19
N ARG B 281 4.68 21.84 23.61
CA ARG B 281 4.38 22.49 24.89
C ARG B 281 4.52 21.46 25.99
N TRP B 282 5.36 21.74 26.98
CA TRP B 282 5.51 20.85 28.11
C TRP B 282 5.65 21.62 29.40
N ASP B 283 4.52 22.12 29.89
CA ASP B 283 4.49 22.87 31.14
C ASP B 283 4.90 22.02 32.33
N LYS B 284 5.33 22.68 33.40
CA LYS B 284 5.64 22.03 34.68
C LYS B 284 4.44 21.22 35.18
N ASP B 285 4.65 19.92 35.36
CA ASP B 285 3.65 18.99 35.88
C ASP B 285 2.53 18.66 34.89
N ALA B 286 2.70 19.05 33.63
CA ALA B 286 1.72 18.77 32.60
C ALA B 286 2.22 17.65 31.70
N TRP B 287 1.30 17.03 30.97
CA TRP B 287 1.67 16.14 29.87
C TRP B 287 2.10 17.02 28.70
N PRO B 288 2.98 16.49 27.81
CA PRO B 288 3.36 17.22 26.61
C PRO B 288 2.25 17.25 25.60
N VAL B 289 2.19 18.33 24.84
CA VAL B 289 1.24 18.47 23.75
C VAL B 289 2.03 18.88 22.53
N VAL B 290 1.84 18.18 21.42
CA VAL B 290 2.62 18.38 20.22
C VAL B 290 1.92 19.30 19.24
N ASN B 291 2.51 20.50 19.04
CA ASN B 291 2.00 21.50 18.05
C ASN B 291 0.50 21.70 18.13
N SER B 292 0.01 21.88 19.37
CA SER B 292 -1.42 22.14 19.67
C SER B 292 -2.43 21.02 19.44
N ASN B 293 -2.40 20.34 18.31
CA ASN B 293 -3.40 19.32 18.00
C ASN B 293 -2.81 17.98 17.53
N GLY B 294 -1.54 17.74 17.85
CA GLY B 294 -0.89 16.50 17.46
C GLY B 294 -0.78 16.27 15.95
N THR B 295 -0.68 17.35 15.18
CA THR B 295 -0.40 17.28 13.74
C THR B 295 0.78 18.20 13.43
N ILE B 296 1.40 18.00 12.27
CA ILE B 296 2.47 18.82 11.74
C ILE B 296 2.14 19.14 10.31
N SER B 297 2.86 20.11 9.75
CA SER B 297 2.62 20.61 8.40
CA SER B 297 2.63 20.60 8.40
C SER B 297 3.93 20.82 7.66
N LEU B 298 3.83 21.01 6.35
CA LEU B 298 4.98 21.30 5.51
C LEU B 298 5.57 22.69 5.83
N LYS B 299 4.72 23.70 5.98
CA LYS B 299 5.13 25.04 6.42
C LYS B 299 4.79 25.18 7.89
N MET B 300 5.81 25.24 8.73
CA MET B 300 5.61 25.37 10.18
C MET B 300 5.78 26.84 10.59
N ASP B 301 4.66 27.52 10.89
CA ASP B 301 4.65 28.94 11.22
C ASP B 301 4.76 29.12 12.73
N VAL B 302 5.93 28.83 13.26
CA VAL B 302 6.13 28.78 14.72
C VAL B 302 7.46 29.41 15.12
N PRO B 303 7.57 29.90 16.38
CA PRO B 303 8.88 30.29 16.89
C PRO B 303 9.89 29.15 16.85
N THR B 304 11.14 29.47 16.58
CA THR B 304 12.22 28.48 16.59
C THR B 304 13.36 28.96 17.45
N LEU B 305 14.33 28.07 17.65
CA LEU B 305 15.64 28.47 18.12
C LEU B 305 16.25 29.41 17.06
N PRO B 306 17.22 30.27 17.46
CA PRO B 306 17.89 31.13 16.46
C PRO B 306 18.51 30.29 15.35
N GLN B 307 18.09 30.55 14.12
CA GLN B 307 18.44 29.68 13.01
C GLN B 307 19.83 29.94 12.44
N GLN B 308 20.42 28.89 11.90
CA GLN B 308 21.77 28.93 11.39
C GLN B 308 21.84 27.90 10.30
N GLU B 309 22.00 28.35 9.06
CA GLU B 309 22.02 27.43 7.93
C GLU B 309 23.29 26.59 7.94
N MET B 310 23.24 25.44 7.23
CA MET B 310 24.31 24.43 7.25
CA MET B 310 24.32 24.45 7.25
C MET B 310 24.67 24.00 5.83
N LYS B 311 25.88 23.44 5.67
CA LYS B 311 26.35 22.91 4.38
C LYS B 311 25.47 21.75 3.89
N GLY B 312 25.00 21.83 2.65
CA GLY B 312 24.14 20.81 2.02
C GLY B 312 24.80 20.09 0.86
N ARG B 313 24.00 19.31 0.13
CA ARG B 313 24.50 18.53 -1.00
C ARG B 313 24.82 19.51 -2.16
N PRO B 314 26.05 19.47 -2.70
CA PRO B 314 26.35 20.32 -3.86
C PRO B 314 25.50 19.99 -5.09
N GLU B 315 25.20 21.01 -5.91
CA GLU B 315 24.52 20.77 -7.18
C GLU B 315 25.35 19.98 -8.19
N ARG B 316 26.68 20.15 -8.15
CA ARG B 316 27.61 19.38 -8.98
C ARG B 316 28.66 18.79 -8.04
N ILE B 317 28.57 17.49 -7.79
CA ILE B 317 29.53 16.81 -6.93
C ILE B 317 30.65 16.33 -7.85
N ASP B 318 31.89 16.66 -7.50
CA ASP B 318 33.04 16.17 -8.23
C ASP B 318 33.88 15.33 -7.30
N PHE B 319 34.80 14.58 -7.88
CA PHE B 319 35.62 13.63 -7.15
C PHE B 319 37.09 14.06 -7.10
N LYS B 320 37.34 15.37 -7.18
CA LYS B 320 38.70 15.93 -7.23
C LYS B 320 39.48 15.74 -5.91
N GLU B 321 38.79 15.80 -4.78
CA GLU B 321 39.39 15.49 -3.44
C GLU B 321 39.62 13.99 -3.16
N GLY B 322 39.26 13.11 -4.11
CA GLY B 322 39.52 11.67 -4.02
C GLY B 322 38.84 10.97 -2.86
N LYS B 323 37.66 11.48 -2.47
CA LYS B 323 36.90 11.00 -1.31
C LYS B 323 35.41 11.26 -1.54
N LEU B 324 34.58 10.26 -1.23
CA LEU B 324 33.13 10.47 -1.25
C LEU B 324 32.71 11.13 0.06
N SER B 325 31.75 12.04 0.00
CA SER B 325 31.17 12.62 1.21
C SER B 325 30.41 11.53 2.01
N PRO B 326 29.98 11.83 3.25
CA PRO B 326 29.15 10.89 4.04
C PRO B 326 27.81 10.48 3.42
N GLU B 327 27.28 11.25 2.47
CA GLU B 327 26.00 10.96 1.80
C GLU B 327 25.99 9.70 0.93
N TRP B 328 27.13 9.30 0.39
CA TRP B 328 27.17 8.19 -0.54
C TRP B 328 27.04 6.86 0.19
N ILE B 329 26.21 5.97 -0.34
CA ILE B 329 25.96 4.64 0.24
C ILE B 329 26.05 3.51 -0.79
N HIS B 330 26.57 2.38 -0.31
CA HIS B 330 26.68 1.13 -1.02
C HIS B 330 25.60 0.12 -0.56
N LEU B 331 25.36 -0.90 -1.37
CA LEU B 331 24.50 -2.03 -0.99
C LEU B 331 25.31 -3.08 -0.25
N GLN B 332 24.90 -3.38 0.99
CA GLN B 332 25.57 -4.39 1.84
C GLN B 332 27.02 -3.98 2.08
N ASN B 333 27.95 -4.93 2.28
CA ASN B 333 29.34 -4.55 2.45
C ASN B 333 30.02 -4.47 1.08
N PRO B 334 30.49 -3.27 0.68
CA PRO B 334 31.07 -3.16 -0.65
C PRO B 334 32.42 -3.87 -0.76
N GLU B 335 32.76 -4.31 -1.96
CA GLU B 335 34.13 -4.74 -2.28
C GLU B 335 34.91 -3.44 -2.56
N ALA B 336 35.62 -2.97 -1.54
CA ALA B 336 36.18 -1.60 -1.51
C ALA B 336 37.20 -1.31 -2.63
N LYS B 337 37.93 -2.34 -3.04
CA LYS B 337 38.88 -2.23 -4.14
C LYS B 337 38.25 -1.90 -5.50
N ASN B 338 36.93 -2.03 -5.65
CA ASN B 338 36.23 -1.69 -6.91
C ASN B 338 35.78 -0.23 -7.04
N TYR B 339 36.11 0.59 -6.07
CA TYR B 339 35.83 2.03 -6.12
C TYR B 339 37.18 2.74 -6.00
N ILE B 340 37.65 3.25 -7.15
CA ILE B 340 38.97 3.87 -7.28
C ILE B 340 38.78 5.34 -7.69
N PHE B 341 39.72 6.19 -7.30
CA PHE B 341 39.76 7.57 -7.78
C PHE B 341 40.91 7.76 -8.76
N THR B 342 40.60 8.33 -9.92
CA THR B 342 41.61 8.51 -10.97
C THR B 342 42.47 9.72 -10.64
N LYS B 343 43.64 9.79 -11.26
CA LYS B 343 44.57 10.92 -11.07
CA LYS B 343 44.55 10.90 -11.02
C LYS B 343 43.93 12.23 -11.47
N ASP B 344 43.05 12.18 -12.48
CA ASP B 344 42.31 13.38 -12.90
C ASP B 344 40.99 13.66 -12.14
N GLY B 345 40.78 12.93 -11.04
CA GLY B 345 39.70 13.26 -10.11
C GLY B 345 38.32 12.78 -10.52
N LYS B 346 38.28 11.63 -11.20
CA LYS B 346 37.02 10.95 -11.52
C LYS B 346 36.80 9.73 -10.63
N LEU B 347 35.53 9.42 -10.37
CA LEU B 347 35.17 8.16 -9.73
C LEU B 347 35.28 7.04 -10.75
N ARG B 348 36.16 6.09 -10.49
CA ARG B 348 36.32 4.92 -11.31
C ARG B 348 35.67 3.72 -10.61
N LEU B 349 34.74 3.09 -11.30
CA LEU B 349 34.06 1.86 -10.84
C LEU B 349 34.54 0.65 -11.64
N ILE B 350 35.05 -0.36 -10.95
CA ILE B 350 35.55 -1.59 -11.57
C ILE B 350 34.42 -2.62 -11.69
N ALA B 351 34.17 -3.17 -12.87
CA ALA B 351 33.07 -4.14 -13.09
C ALA B 351 33.25 -5.45 -12.34
N THR B 352 32.13 -6.02 -11.92
CA THR B 352 32.03 -7.42 -11.47
C THR B 352 30.81 -7.98 -12.16
N PRO B 353 30.65 -9.31 -12.16
CA PRO B 353 29.42 -9.88 -12.73
C PRO B 353 28.14 -9.77 -11.87
N VAL B 354 28.22 -9.15 -10.69
CA VAL B 354 27.08 -9.00 -9.82
C VAL B 354 26.16 -7.97 -10.45
N THR B 355 24.95 -8.37 -10.81
CA THR B 355 23.94 -7.42 -11.32
C THR B 355 23.29 -6.66 -10.15
N LEU B 356 22.42 -5.71 -10.49
CA LEU B 356 21.62 -5.04 -9.47
C LEU B 356 20.44 -5.91 -8.95
N SER B 357 20.25 -7.14 -9.49
CA SER B 357 19.16 -8.04 -9.09
C SER B 357 19.63 -9.33 -8.42
N ASP B 358 20.87 -9.35 -7.95
CA ASP B 358 21.50 -10.56 -7.42
C ASP B 358 21.44 -10.69 -5.88
N TRP B 359 20.89 -9.70 -5.18
CA TRP B 359 20.84 -9.72 -3.69
C TRP B 359 22.24 -9.81 -3.05
N LYS B 360 23.26 -9.32 -3.76
CA LYS B 360 24.64 -9.24 -3.28
C LYS B 360 25.12 -7.82 -3.58
N SER B 361 26.27 -7.43 -3.04
CA SER B 361 26.78 -6.07 -3.27
C SER B 361 27.31 -5.93 -4.69
N PRO B 362 26.67 -5.10 -5.54
CA PRO B 362 27.30 -4.87 -6.82
C PRO B 362 28.30 -3.73 -6.72
N THR B 363 29.00 -3.44 -7.82
CA THR B 363 29.78 -2.21 -7.89
C THR B 363 28.75 -1.11 -8.09
N PHE B 364 28.40 -0.45 -6.99
CA PHE B 364 27.22 0.43 -6.93
C PHE B 364 27.43 1.40 -5.76
N VAL B 365 27.20 2.68 -6.01
CA VAL B 365 27.31 3.69 -4.98
C VAL B 365 26.34 4.80 -5.31
N ALA B 366 25.57 5.21 -4.31
CA ALA B 366 24.37 5.98 -4.52
C ALA B 366 24.19 7.18 -3.60
N LEU B 367 23.29 8.06 -4.03
CA LEU B 367 22.75 9.13 -3.18
C LEU B 367 21.22 9.01 -3.08
N ARG B 368 20.69 9.29 -1.90
CA ARG B 368 19.27 9.22 -1.65
C ARG B 368 18.57 10.27 -2.49
N GLN B 369 17.45 9.91 -3.11
CA GLN B 369 16.62 10.91 -3.77
C GLN B 369 15.86 11.70 -2.69
N GLU B 370 15.98 13.04 -2.72
CA GLU B 370 15.47 13.87 -1.63
C GLU B 370 14.39 14.84 -2.06
N HIS B 371 13.94 14.77 -3.32
CA HIS B 371 12.89 15.65 -3.85
C HIS B 371 12.04 14.86 -4.84
N PHE B 372 10.74 15.16 -4.91
CA PHE B 372 9.88 14.58 -5.95
C PHE B 372 10.28 15.09 -7.33
N ASP B 373 10.50 16.40 -7.40
CA ASP B 373 10.91 17.09 -8.62
C ASP B 373 12.40 17.29 -8.58
N MET B 374 13.15 16.53 -9.38
CA MET B 374 14.59 16.66 -9.43
C MET B 374 15.14 16.27 -10.79
N GLU B 375 16.39 16.67 -11.04
CA GLU B 375 17.18 16.16 -12.17
C GLU B 375 18.53 15.73 -11.63
N ALA B 376 18.93 14.52 -12.02
CA ALA B 376 20.26 14.01 -11.74
C ALA B 376 20.92 13.63 -13.04
N SER B 377 22.24 13.75 -13.10
CA SER B 377 22.98 13.31 -14.29
C SER B 377 24.44 13.01 -13.98
N ALA B 378 25.03 12.17 -14.82
CA ALA B 378 26.45 11.84 -14.71
C ALA B 378 27.00 11.50 -16.10
N PRO B 379 28.19 12.02 -16.45
CA PRO B 379 28.90 11.47 -17.61
C PRO B 379 29.46 10.11 -17.30
N VAL B 380 29.54 9.24 -18.30
CA VAL B 380 30.01 7.85 -18.16
CA VAL B 380 30.05 7.88 -18.13
C VAL B 380 31.01 7.56 -19.27
N VAL B 381 32.16 7.00 -18.93
CA VAL B 381 33.13 6.58 -19.92
C VAL B 381 33.43 5.12 -19.62
N LEU B 382 32.75 4.22 -20.34
CA LEU B 382 32.92 2.79 -20.18
C LEU B 382 34.15 2.35 -20.97
N GLN B 383 35.09 1.67 -20.32
CA GLN B 383 36.37 1.31 -20.94
C GLN B 383 36.68 -0.17 -20.74
N LYS B 384 37.52 -0.71 -21.61
CA LYS B 384 37.93 -2.11 -21.59
C LYS B 384 36.77 -3.10 -21.49
N ALA B 385 35.68 -2.82 -22.18
CA ALA B 385 34.46 -3.58 -22.01
C ALA B 385 34.37 -4.73 -22.99
N GLY B 386 33.87 -5.87 -22.52
CA GLY B 386 33.40 -6.97 -23.38
C GLY B 386 31.93 -6.82 -23.69
N VAL B 387 31.43 -7.70 -24.57
CA VAL B 387 30.07 -7.55 -25.08
C VAL B 387 29.08 -7.69 -23.91
N ASN B 388 28.15 -6.73 -23.84
CA ASN B 388 27.10 -6.65 -22.81
C ASN B 388 27.51 -6.11 -21.42
N ASP B 389 28.80 -5.80 -21.22
CA ASP B 389 29.20 -4.99 -20.09
C ASP B 389 28.45 -3.65 -20.14
N GLU B 390 28.02 -3.17 -18.99
CA GLU B 390 27.24 -1.94 -18.95
C GLU B 390 27.59 -1.10 -17.74
N ALA B 391 27.37 0.20 -17.86
CA ALA B 391 27.57 1.09 -16.74
C ALA B 391 26.62 2.27 -16.85
N GLY B 392 26.18 2.77 -15.70
CA GLY B 392 25.18 3.83 -15.71
C GLY B 392 24.65 4.25 -14.36
N ILE B 393 23.41 4.75 -14.41
CA ILE B 393 22.65 5.23 -13.27
C ILE B 393 21.43 4.32 -13.07
N SER B 394 21.23 3.88 -11.83
CA SER B 394 20.04 3.12 -11.44
C SER B 394 19.18 3.89 -10.45
N VAL B 395 17.88 3.97 -10.76
CA VAL B 395 16.87 4.42 -9.80
C VAL B 395 16.45 3.17 -9.01
N PHE B 396 16.97 3.04 -7.80
CA PHE B 396 16.97 1.77 -7.08
C PHE B 396 16.15 1.81 -5.79
N MET B 397 15.19 0.88 -5.67
CA MET B 397 14.50 0.63 -4.39
C MET B 397 14.94 -0.68 -3.76
N GLU B 398 14.93 -1.76 -4.53
CA GLU B 398 15.24 -3.10 -4.02
C GLU B 398 15.79 -3.93 -5.17
N PHE B 399 16.42 -5.05 -4.85
CA PHE B 399 17.00 -5.92 -5.87
C PHE B 399 16.00 -6.40 -6.95
N HIS B 400 14.71 -6.46 -6.61
CA HIS B 400 13.66 -6.77 -7.59
C HIS B 400 12.88 -5.54 -8.10
N SER B 401 13.33 -4.34 -7.77
CA SER B 401 12.58 -3.10 -8.06
C SER B 401 13.55 -1.94 -8.32
N HIS B 402 13.90 -1.77 -9.61
CA HIS B 402 14.80 -0.70 -10.03
C HIS B 402 14.73 -0.42 -11.52
N TYR B 403 15.02 0.84 -11.89
CA TYR B 403 15.08 1.29 -13.27
C TYR B 403 16.53 1.66 -13.62
N ASP B 404 17.09 0.99 -14.63
CA ASP B 404 18.50 1.14 -15.00
C ASP B 404 18.63 1.87 -16.33
N LEU B 405 19.43 2.93 -16.35
CA LEU B 405 19.80 3.68 -17.54
C LEU B 405 21.30 3.52 -17.73
N PHE B 406 21.73 3.05 -18.90
CA PHE B 406 23.13 2.68 -19.04
C PHE B 406 23.72 2.84 -20.43
N VAL B 407 25.05 2.81 -20.46
CA VAL B 407 25.81 2.64 -21.70
CA VAL B 407 25.79 2.63 -21.70
C VAL B 407 26.25 1.18 -21.75
N ARG B 408 26.04 0.53 -22.90
CA ARG B 408 26.35 -0.88 -23.04
C ARG B 408 27.29 -1.15 -24.23
N GLN B 409 28.31 -1.97 -24.01
CA GLN B 409 29.16 -2.48 -25.09
C GLN B 409 28.43 -3.56 -25.89
N ASP B 410 28.29 -3.34 -27.19
CA ASP B 410 27.72 -4.33 -28.11
C ASP B 410 28.86 -4.98 -28.91
N LYS B 411 28.49 -5.93 -29.79
CA LYS B 411 29.42 -6.60 -30.72
C LYS B 411 29.98 -5.62 -31.74
N ASP B 412 31.14 -5.96 -32.30
CA ASP B 412 31.79 -5.19 -33.38
C ASP B 412 32.20 -3.76 -32.96
N ARG B 413 32.68 -3.61 -31.73
CA ARG B 413 33.08 -2.29 -31.20
C ARG B 413 31.97 -1.21 -31.20
N LYS B 414 30.70 -1.58 -31.38
CA LYS B 414 29.59 -0.64 -31.32
C LYS B 414 29.12 -0.47 -29.86
N ARG B 415 28.36 0.58 -29.60
CA ARG B 415 27.79 0.81 -28.27
C ARG B 415 26.38 1.32 -28.37
N SER B 416 25.64 1.20 -27.27
CA SER B 416 24.28 1.74 -27.20
C SER B 416 23.94 2.26 -25.82
N VAL B 417 22.90 3.08 -25.76
CA VAL B 417 22.26 3.45 -24.51
C VAL B 417 21.03 2.57 -24.37
N GLY B 418 20.84 2.00 -23.17
CA GLY B 418 19.71 1.15 -22.86
C GLY B 418 18.95 1.66 -21.64
N LEU B 419 17.69 1.24 -21.54
CA LEU B 419 16.81 1.60 -20.43
C LEU B 419 16.03 0.33 -20.09
N ARG B 420 16.26 -0.18 -18.87
CA ARG B 420 15.71 -1.46 -18.41
CA ARG B 420 15.72 -1.45 -18.44
C ARG B 420 14.95 -1.31 -17.11
N TYR B 421 13.72 -1.81 -17.07
CA TYR B 421 12.90 -1.79 -15.87
C TYR B 421 12.88 -3.19 -15.28
N LYS B 422 13.42 -3.33 -14.08
CA LYS B 422 13.35 -4.57 -13.32
C LYS B 422 12.22 -4.47 -12.30
N LEU B 423 11.16 -5.23 -12.52
CA LEU B 423 10.03 -5.31 -11.59
C LEU B 423 9.64 -6.78 -11.46
N GLY B 424 10.22 -7.46 -10.48
CA GLY B 424 9.90 -8.84 -10.20
C GLY B 424 10.32 -9.72 -11.37
N GLU B 425 9.37 -10.48 -11.91
CA GLU B 425 9.59 -11.35 -13.08
C GLU B 425 9.71 -10.59 -14.41
N ILE B 426 9.43 -9.30 -14.43
CA ILE B 426 9.66 -8.48 -15.60
C ILE B 426 11.04 -7.85 -15.57
N THR B 427 11.77 -8.09 -16.67
CA THR B 427 12.91 -7.30 -17.05
C THR B 427 12.57 -6.73 -18.42
N HIS B 428 12.22 -5.45 -18.47
CA HIS B 428 11.67 -4.80 -19.69
C HIS B 428 12.65 -3.77 -20.28
N TYR B 429 13.11 -4.05 -21.49
CA TYR B 429 13.94 -3.14 -22.25
C TYR B 429 13.05 -2.14 -22.96
N ALA B 430 12.94 -0.95 -22.37
CA ALA B 430 12.12 0.13 -22.92
C ALA B 430 12.74 0.75 -24.16
N LYS B 431 14.06 0.93 -24.14
CA LYS B 431 14.80 1.51 -25.25
C LYS B 431 16.16 0.84 -25.43
N GLU B 432 16.61 0.81 -26.69
CA GLU B 432 17.98 0.47 -27.05
C GLU B 432 18.36 1.36 -28.23
N VAL B 433 19.18 2.38 -27.97
CA VAL B 433 19.57 3.37 -28.97
C VAL B 433 21.07 3.29 -29.28
N SER B 434 21.37 3.26 -30.58
CA SER B 434 22.74 3.19 -31.09
C SER B 434 23.49 4.49 -30.84
N LEU B 435 24.74 4.35 -30.37
CA LEU B 435 25.58 5.49 -30.03
C LEU B 435 26.65 5.71 -31.09
N PRO B 436 26.95 6.98 -31.42
CA PRO B 436 28.08 7.24 -32.32
C PRO B 436 29.41 6.76 -31.72
N THR B 437 30.30 6.31 -32.58
CA THR B 437 31.66 5.94 -32.18
C THR B 437 32.36 7.19 -31.64
N ASP B 438 33.01 7.05 -30.47
CA ASP B 438 33.78 8.15 -29.85
C ASP B 438 32.97 9.31 -29.24
N GLY B 439 31.63 9.21 -29.21
CA GLY B 439 30.79 10.23 -28.56
C GLY B 439 30.90 10.20 -27.03
N GLU B 440 30.97 11.38 -26.41
CA GLU B 440 30.99 11.52 -24.96
C GLU B 440 29.55 11.55 -24.43
N VAL B 441 29.22 10.65 -23.49
CA VAL B 441 27.82 10.44 -23.04
C VAL B 441 27.55 10.91 -21.61
N GLU B 442 26.47 11.66 -21.44
CA GLU B 442 25.94 12.02 -20.12
C GLU B 442 24.55 11.39 -19.96
N LEU B 443 24.37 10.59 -18.91
CA LEU B 443 23.07 9.96 -18.62
C LEU B 443 22.28 10.87 -17.70
N VAL B 444 20.99 11.02 -17.99
CA VAL B 444 20.12 11.98 -17.33
C VAL B 444 18.82 11.34 -16.79
N VAL B 445 18.51 11.57 -15.51
CA VAL B 445 17.27 11.07 -14.87
C VAL B 445 16.58 12.26 -14.22
N LYS B 446 15.36 12.54 -14.66
CA LYS B 446 14.52 13.57 -14.05
C LYS B 446 13.31 12.88 -13.44
N SER B 447 12.60 13.57 -12.56
CA SER B 447 11.36 13.05 -11.99
C SER B 447 10.37 14.15 -11.62
N ASP B 448 9.09 13.79 -11.65
CA ASP B 448 8.07 14.51 -10.92
C ASP B 448 7.33 13.48 -10.06
N ILE B 449 6.29 13.89 -9.35
CA ILE B 449 5.58 12.97 -8.47
C ILE B 449 4.99 11.74 -9.20
N ASN B 450 4.69 11.89 -10.49
CA ASN B 450 4.06 10.83 -11.27
C ASN B 450 5.04 9.92 -12.04
N TYR B 451 6.13 10.49 -12.57
CA TYR B 451 7.06 9.75 -13.46
C TYR B 451 8.54 10.07 -13.24
N TYR B 452 9.38 9.07 -13.53
CA TYR B 452 10.79 9.25 -13.83
C TYR B 452 10.86 9.44 -15.33
N TYR B 453 11.67 10.41 -15.78
CA TYR B 453 11.89 10.65 -17.21
C TYR B 453 13.36 10.46 -17.47
N PHE B 454 13.69 9.69 -18.49
CA PHE B 454 15.08 9.30 -18.76
C PHE B 454 15.52 9.91 -20.07
N GLY B 455 16.78 10.32 -20.12
CA GLY B 455 17.40 10.77 -21.35
C GLY B 455 18.91 10.66 -21.33
N TYR B 456 19.53 11.11 -22.40
CA TYR B 456 20.98 11.22 -22.44
C TYR B 456 21.45 12.31 -23.40
N LYS B 457 22.67 12.78 -23.14
CA LYS B 457 23.34 13.77 -23.97
C LYS B 457 24.51 13.10 -24.63
N VAL B 458 24.62 13.28 -25.95
CA VAL B 458 25.79 12.81 -26.69
C VAL B 458 26.29 13.98 -27.53
N ASN B 459 27.59 14.22 -27.43
CA ASN B 459 28.24 15.36 -28.03
C ASN B 459 27.42 16.63 -27.80
N GLY B 460 27.13 16.89 -26.53
CA GLY B 460 26.35 18.06 -26.11
C GLY B 460 24.83 18.07 -26.30
N ILE B 461 24.29 17.18 -27.14
CA ILE B 461 22.88 17.24 -27.57
C ILE B 461 21.98 16.22 -26.84
N TYR B 462 20.91 16.74 -26.23
CA TYR B 462 20.03 15.97 -25.36
C TYR B 462 18.89 15.25 -26.09
N HIS B 463 18.69 13.97 -25.77
CA HIS B 463 17.57 13.19 -26.30
C HIS B 463 16.76 12.57 -25.16
N ASP B 464 15.42 12.68 -25.23
CA ASP B 464 14.53 11.98 -24.29
C ASP B 464 14.38 10.51 -24.71
N LEU B 465 14.28 9.64 -23.70
CA LEU B 465 14.11 8.19 -23.89
C LEU B 465 12.78 7.62 -23.37
N GLY B 466 11.94 8.44 -22.77
CA GLY B 466 10.64 8.00 -22.28
C GLY B 466 10.59 8.08 -20.77
N LYS B 467 9.45 7.68 -20.23
CA LYS B 467 9.12 7.87 -18.84
C LYS B 467 8.54 6.59 -18.26
N MET B 468 8.60 6.50 -16.95
CA MET B 468 8.10 5.35 -16.24
C MET B 468 7.55 5.78 -14.89
N ASN B 469 6.46 5.12 -14.50
CA ASN B 469 5.69 5.50 -13.34
C ASN B 469 6.54 5.36 -12.09
N THR B 470 6.43 6.34 -11.20
CA THR B 470 7.08 6.28 -9.87
C THR B 470 6.54 5.19 -8.93
N ARG B 471 5.24 4.87 -9.00
CA ARG B 471 4.58 4.04 -7.99
CA ARG B 471 4.58 4.04 -7.99
C ARG B 471 5.14 2.63 -7.86
N TYR B 472 5.67 2.08 -8.95
CA TYR B 472 6.25 0.75 -8.91
C TYR B 472 7.54 0.64 -8.10
N LEU B 473 8.17 1.77 -7.74
CA LEU B 473 9.32 1.76 -6.83
C LEU B 473 8.98 2.21 -5.42
N SER B 474 7.71 2.44 -5.12
CA SER B 474 7.31 2.85 -3.76
C SER B 474 7.51 1.73 -2.73
N THR B 475 7.65 2.14 -1.49
CA THR B 475 7.59 1.19 -0.39
C THR B 475 6.31 0.33 -0.41
N GLU B 476 5.17 0.93 -0.77
CA GLU B 476 3.90 0.21 -0.79
C GLU B 476 3.93 -0.91 -1.81
N THR B 477 4.50 -0.64 -2.99
CA THR B 477 4.62 -1.64 -4.02
C THR B 477 5.74 -2.65 -3.74
N ALA B 478 6.94 -2.15 -3.48
CA ALA B 478 8.13 -3.00 -3.43
C ALA B 478 8.39 -3.62 -2.07
N GLY B 479 7.77 -3.05 -1.04
CA GLY B 479 8.03 -3.49 0.34
C GLY B 479 9.21 -2.77 0.96
N GLY B 480 9.51 -3.13 2.20
CA GLY B 480 10.70 -2.64 2.88
C GLY B 480 10.53 -1.36 3.69
N PHE B 481 11.66 -0.84 4.14
CA PHE B 481 11.72 0.25 5.11
C PHE B 481 12.53 1.46 4.61
N THR B 482 12.72 1.57 3.30
CA THR B 482 13.72 2.44 2.73
C THR B 482 13.08 3.35 1.68
N GLY B 483 13.90 4.16 1.04
CA GLY B 483 13.45 5.09 0.00
C GLY B 483 14.30 4.86 -1.23
N VAL B 484 13.89 5.45 -2.34
CA VAL B 484 14.70 5.38 -3.56
C VAL B 484 16.05 6.09 -3.42
N VAL B 485 17.09 5.42 -3.94
CA VAL B 485 18.42 5.98 -4.08
C VAL B 485 18.81 5.98 -5.57
N LEU B 486 19.73 6.87 -5.93
CA LEU B 486 20.19 7.04 -7.30
C LEU B 486 21.66 6.63 -7.34
N GLY B 487 21.94 5.56 -8.05
CA GLY B 487 23.22 4.87 -7.95
C GLY B 487 24.01 4.83 -9.23
N LEU B 488 25.32 5.08 -9.11
CA LEU B 488 26.24 4.85 -10.21
C LEU B 488 26.71 3.43 -10.09
N TYR B 489 26.74 2.71 -11.20
CA TYR B 489 27.07 1.30 -11.17
C TYR B 489 27.72 0.84 -12.46
N ILE B 490 28.29 -0.36 -12.36
CA ILE B 490 28.87 -1.06 -13.50
C ILE B 490 28.75 -2.54 -13.25
N THR B 491 28.33 -3.27 -14.27
CA THR B 491 28.24 -4.74 -14.24
CA THR B 491 28.28 -4.73 -14.23
C THR B 491 28.87 -5.30 -15.52
N SER B 492 29.72 -6.33 -15.38
CA SER B 492 30.23 -7.07 -16.54
C SER B 492 29.34 -8.29 -16.84
N ALA B 493 29.25 -8.67 -18.12
CA ALA B 493 28.50 -9.87 -18.52
C ALA B 493 29.24 -11.21 -18.31
N SER B 494 30.54 -11.19 -18.05
CA SER B 494 31.31 -12.42 -17.71
C SER B 494 32.34 -12.17 -16.63
N LYS B 495 32.89 -13.25 -16.06
CA LYS B 495 33.95 -13.16 -15.02
C LYS B 495 35.31 -12.75 -15.60
N ASP B 496 35.50 -12.96 -16.91
CA ASP B 496 36.68 -12.53 -17.67
C ASP B 496 36.95 -11.04 -17.66
N SER B 497 35.90 -10.22 -17.69
CA SER B 497 36.01 -8.78 -18.01
C SER B 497 36.98 -8.02 -17.12
N LYS B 498 37.65 -7.03 -17.71
CA LYS B 498 38.42 -6.02 -16.96
C LYS B 498 37.76 -4.64 -17.08
N ALA B 499 36.46 -4.60 -17.39
CA ALA B 499 35.77 -3.35 -17.62
C ALA B 499 35.83 -2.42 -16.42
N TYR B 500 35.93 -1.13 -16.68
CA TYR B 500 35.73 -0.11 -15.68
C TYR B 500 35.03 1.06 -16.35
N ALA B 501 34.48 1.95 -15.52
CA ALA B 501 33.82 3.14 -16.01
C ALA B 501 34.20 4.31 -15.16
N ASP B 502 34.46 5.44 -15.81
CA ASP B 502 34.79 6.67 -15.14
C ASP B 502 33.61 7.62 -15.17
N PHE B 503 33.26 8.17 -14.01
CA PHE B 503 32.19 9.16 -13.83
C PHE B 503 32.82 10.45 -13.33
N GLU B 504 32.80 11.50 -14.14
CA GLU B 504 33.52 12.72 -13.82
C GLU B 504 32.84 13.53 -12.71
N TYR B 505 31.51 13.51 -12.70
CA TYR B 505 30.75 14.18 -11.68
C TYR B 505 29.36 13.55 -11.54
N PHE B 506 28.67 13.96 -10.49
CA PHE B 506 27.27 13.63 -10.30
C PHE B 506 26.57 14.92 -9.99
N LYS B 507 25.66 15.30 -10.87
CA LYS B 507 24.81 16.47 -10.72
C LYS B 507 23.46 16.05 -10.09
N TYR B 508 23.01 16.82 -9.10
CA TYR B 508 21.72 16.62 -8.48
C TYR B 508 21.17 17.97 -8.11
N LYS B 509 19.97 18.28 -8.61
CA LYS B 509 19.28 19.51 -8.26
C LYS B 509 17.79 19.22 -8.04
N GLY B 510 17.29 19.51 -6.85
CA GLY B 510 15.87 19.37 -6.56
C GLY B 510 15.13 20.70 -6.69
N LYS B 511 13.85 20.66 -7.06
CA LYS B 511 13.04 21.88 -7.17
C LYS B 511 12.65 22.41 -5.78
N PRO B 512 12.33 23.73 -5.67
CA PRO B 512 11.88 24.31 -4.39
C PRO B 512 10.49 23.82 -3.95
C TRS C . -16.18 3.47 0.06
C1 TRS C . -16.05 4.96 -0.28
C2 TRS C . -15.95 2.56 -1.14
C3 TRS C . -17.52 3.16 0.71
N TRS C . -15.13 3.17 1.09
O1 TRS C . -14.76 5.23 -0.78
O2 TRS C . -15.79 1.20 -0.70
O3 TRS C . -18.62 3.75 0.01
C3 6LW D . -13.00 6.60 1.94
C2 6LW D . -12.36 5.57 2.88
C1 6LW D . -10.92 5.75 2.50
O3 6LW D . -14.19 7.18 2.47
O4 6LW D . -10.64 6.98 1.78
O1 6LW D . -8.74 5.11 2.41
C4 6LW D . -11.91 7.68 1.75
N1 6LW D . -10.06 4.88 2.77
O2 6LW D . -12.80 4.22 2.72
C5 6LW D . -12.03 8.50 0.47
O5 6LW D . -11.88 7.63 -0.66
C1 EDO E . -38.21 8.94 16.30
O1 EDO E . -38.25 10.36 16.23
C2 EDO E . -38.70 8.27 15.01
O2 EDO E . -39.99 8.74 14.62
C TRS F . 11.30 -0.16 12.45
C1 TRS F . 12.09 0.15 11.16
C2 TRS F . 11.92 0.59 13.63
C3 TRS F . 11.31 -1.65 12.76
N TRS F . 9.86 0.26 12.29
O1 TRS F . 11.91 1.49 10.75
O2 TRS F . 13.13 -0.10 14.06
O3 TRS F . 10.53 -2.45 11.89
C3 6LW G . 7.21 -2.83 12.77
C2 6LW G . 6.19 -1.72 12.56
C1 6LW G . 5.40 -2.32 11.45
O3 6LW G . 7.65 -2.82 14.13
O4 6LW G . 5.54 -3.76 11.37
O1 6LW G . 3.98 -2.16 9.66
C4 6LW G . 6.43 -4.12 12.42
N1 6LW G . 4.71 -1.60 10.68
O2 6LW G . 6.76 -0.45 12.22
C5 6LW G . 7.23 -5.35 11.99
O5 6LW G . 7.88 -5.09 10.73
#